data_1Z65
#
_entry.id   1Z65
#
_entity_poly.entity_id   1
_entity_poly.type   'polypeptide(L)'
_entity_poly.pdbx_seq_one_letter_code
;MKNRLGTWWVAILCMLLASHLSTVKARGIK
;
_entity_poly.pdbx_strand_id   A
#
# COMPACT_ATOMS: atom_id res chain seq x y z
N MET A 1 -20.16 5.60 6.86
CA MET A 1 -21.50 5.67 6.30
C MET A 1 -21.50 6.42 4.97
N LYS A 2 -20.52 6.09 4.14
CA LYS A 2 -20.41 6.72 2.84
C LYS A 2 -20.46 8.25 3.00
N ASN A 3 -19.31 8.82 3.30
CA ASN A 3 -19.22 10.25 3.48
C ASN A 3 -17.79 10.72 3.17
N ARG A 4 -16.87 10.27 4.01
CA ARG A 4 -15.46 10.62 3.85
C ARG A 4 -14.69 9.46 3.23
N LEU A 5 -15.20 8.26 3.47
CA LEU A 5 -14.57 7.06 2.94
C LEU A 5 -14.41 7.19 1.42
N GLY A 6 -14.03 6.10 0.80
CA GLY A 6 -13.85 6.08 -0.64
C GLY A 6 -12.47 5.52 -1.01
N THR A 7 -11.49 6.42 -1.04
CA THR A 7 -10.14 6.03 -1.37
C THR A 7 -9.26 6.00 -0.11
N TRP A 8 -9.74 6.67 0.93
CA TRP A 8 -9.02 6.73 2.19
C TRP A 8 -8.52 5.32 2.51
N TRP A 9 -9.36 4.34 2.19
CA TRP A 9 -9.00 2.96 2.44
C TRP A 9 -8.13 2.48 1.29
N VAL A 10 -8.53 2.85 0.08
CA VAL A 10 -7.79 2.47 -1.12
C VAL A 10 -6.31 2.80 -0.92
N ALA A 11 -6.07 3.83 -0.12
CA ALA A 11 -4.71 4.27 0.16
C ALA A 11 -4.05 3.27 1.12
N ILE A 12 -4.86 2.72 2.00
CA ILE A 12 -4.37 1.76 2.98
C ILE A 12 -3.83 0.53 2.25
N LEU A 13 -4.64 0.03 1.32
CA LEU A 13 -4.25 -1.14 0.56
C LEU A 13 -3.05 -0.79 -0.33
N CYS A 14 -2.88 0.50 -0.56
CA CYS A 14 -1.78 0.98 -1.38
C CYS A 14 -0.63 1.38 -0.45
N MET A 15 -0.95 1.42 0.84
CA MET A 15 0.05 1.79 1.83
C MET A 15 0.63 0.55 2.51
N LEU A 16 -0.24 -0.41 2.77
CA LEU A 16 0.17 -1.65 3.41
C LEU A 16 0.98 -2.48 2.43
N LEU A 17 0.75 -2.22 1.15
CA LEU A 17 1.46 -2.94 0.11
C LEU A 17 2.69 -2.14 -0.30
N ALA A 18 2.60 -0.84 -0.15
CA ALA A 18 3.72 0.04 -0.49
C ALA A 18 5.03 -0.61 -0.07
N SER A 19 5.31 -0.50 1.22
CA SER A 19 6.54 -1.07 1.77
C SER A 19 6.76 -2.47 1.20
N HIS A 20 5.72 -3.29 1.27
CA HIS A 20 5.78 -4.64 0.76
C HIS A 20 6.33 -4.63 -0.66
N LEU A 21 5.92 -3.62 -1.41
CA LEU A 21 6.37 -3.48 -2.79
C LEU A 21 7.29 -2.26 -2.90
N SER A 22 8.10 -2.08 -1.88
CA SER A 22 9.03 -0.97 -1.85
C SER A 22 10.34 -1.38 -1.17
N THR A 23 10.37 -1.18 0.15
CA THR A 23 11.54 -1.54 0.93
C THR A 23 11.62 -3.06 1.12
N VAL A 24 10.46 -3.69 1.02
CA VAL A 24 10.38 -5.14 1.18
C VAL A 24 11.10 -5.81 0.00
N LYS A 25 11.32 -5.04 -1.05
CA LYS A 25 11.98 -5.55 -2.23
C LYS A 25 13.42 -5.90 -1.88
N ALA A 26 13.86 -7.03 -2.44
CA ALA A 26 15.22 -7.50 -2.20
C ALA A 26 15.51 -8.70 -3.10
N ARG A 27 15.77 -8.40 -4.37
CA ARG A 27 16.06 -9.44 -5.33
C ARG A 27 17.49 -9.96 -5.14
N GLY A 28 18.27 -9.20 -4.39
CA GLY A 28 19.65 -9.56 -4.12
C GLY A 28 19.76 -10.33 -2.80
N ILE A 29 19.40 -11.60 -2.85
CA ILE A 29 19.45 -12.45 -1.66
C ILE A 29 18.65 -11.78 -0.54
N LYS A 30 18.45 -12.55 0.53
CA LYS A 30 17.70 -12.05 1.67
C LYS A 30 16.54 -11.19 1.18
N MET A 1 -17.43 8.51 9.08
CA MET A 1 -16.20 8.03 8.49
C MET A 1 -16.25 6.53 8.23
N LYS A 2 -17.25 6.12 7.46
CA LYS A 2 -17.42 4.72 7.15
C LYS A 2 -18.57 4.56 6.15
N ASN A 3 -18.45 5.28 5.04
CA ASN A 3 -19.47 5.23 4.00
C ASN A 3 -19.19 6.32 2.97
N ARG A 4 -18.88 7.50 3.47
CA ARG A 4 -18.58 8.63 2.61
C ARG A 4 -17.20 8.47 1.98
N LEU A 5 -16.40 7.63 2.60
CA LEU A 5 -15.05 7.38 2.10
C LEU A 5 -15.13 6.65 0.77
N GLY A 6 -13.98 6.56 0.11
CA GLY A 6 -13.90 5.90 -1.18
C GLY A 6 -12.51 5.29 -1.40
N THR A 7 -11.55 6.16 -1.61
CA THR A 7 -10.18 5.74 -1.84
C THR A 7 -9.39 5.76 -0.52
N TRP A 8 -9.95 6.46 0.45
CA TRP A 8 -9.31 6.56 1.75
C TRP A 8 -8.78 5.18 2.14
N TRP A 9 -9.53 4.16 1.74
CA TRP A 9 -9.15 2.79 2.03
C TRP A 9 -8.20 2.32 0.92
N VAL A 10 -8.55 2.69 -0.30
CA VAL A 10 -7.74 2.30 -1.44
C VAL A 10 -6.28 2.72 -1.21
N ALA A 11 -6.13 3.76 -0.41
CA ALA A 11 -4.80 4.28 -0.09
C ALA A 11 -4.12 3.32 0.89
N ILE A 12 -4.93 2.68 1.71
CA ILE A 12 -4.42 1.74 2.70
C ILE A 12 -3.83 0.53 1.98
N LEU A 13 -4.59 0.02 1.02
CA LEU A 13 -4.16 -1.14 0.25
C LEU A 13 -2.97 -0.75 -0.62
N CYS A 14 -2.80 0.55 -0.79
CA CYS A 14 -1.72 1.07 -1.61
C CYS A 14 -0.62 1.59 -0.67
N MET A 15 -0.96 1.63 0.61
CA MET A 15 -0.02 2.11 1.61
C MET A 15 0.58 0.93 2.39
N LEU A 16 -0.24 -0.10 2.56
CA LEU A 16 0.19 -1.28 3.29
C LEU A 16 1.02 -2.17 2.36
N LEU A 17 0.87 -1.93 1.07
CA LEU A 17 1.59 -2.69 0.07
C LEU A 17 2.77 -1.88 -0.44
N ALA A 18 2.66 -0.57 -0.28
CA ALA A 18 3.71 0.34 -0.71
C ALA A 18 5.08 -0.28 -0.39
N SER A 19 5.22 -0.69 0.87
CA SER A 19 6.46 -1.29 1.32
C SER A 19 6.62 -2.69 0.71
N HIS A 20 5.50 -3.41 0.66
CA HIS A 20 5.49 -4.74 0.11
C HIS A 20 6.01 -4.71 -1.33
N LEU A 21 5.75 -3.59 -1.98
CA LEU A 21 6.18 -3.41 -3.37
C LEU A 21 7.32 -2.41 -3.42
N SER A 22 8.10 -2.38 -2.35
CA SER A 22 9.23 -1.47 -2.25
C SER A 22 10.35 -2.11 -1.43
N THR A 23 10.36 -1.78 -0.14
CA THR A 23 11.37 -2.31 0.75
C THR A 23 11.35 -3.84 0.74
N VAL A 24 10.21 -4.37 0.35
CA VAL A 24 10.05 -5.82 0.29
C VAL A 24 10.70 -6.34 -1.00
N LYS A 25 10.83 -5.45 -1.96
CA LYS A 25 11.44 -5.81 -3.23
C LYS A 25 12.76 -6.53 -2.98
N ALA A 26 12.91 -7.66 -3.63
CA ALA A 26 14.13 -8.46 -3.48
C ALA A 26 14.01 -9.73 -4.33
N ARG A 27 14.00 -9.54 -5.65
CA ARG A 27 13.89 -10.65 -6.57
C ARG A 27 14.93 -11.72 -6.24
N GLY A 28 15.99 -11.27 -5.56
CA GLY A 28 17.07 -12.18 -5.17
C GLY A 28 17.32 -13.22 -6.27
N ILE A 29 17.29 -12.75 -7.51
CA ILE A 29 17.53 -13.62 -8.65
C ILE A 29 18.80 -14.44 -8.40
N LYS A 30 19.89 -13.96 -8.99
CA LYS A 30 21.17 -14.64 -8.84
C LYS A 30 21.09 -16.01 -9.50
N MET A 1 -17.78 4.33 -2.13
CA MET A 1 -18.13 4.41 -3.55
C MET A 1 -18.71 5.77 -3.89
N LYS A 2 -19.46 6.32 -2.95
CA LYS A 2 -20.07 7.63 -3.15
C LYS A 2 -20.37 8.26 -1.79
N ASN A 3 -19.32 8.80 -1.18
CA ASN A 3 -19.46 9.43 0.12
C ASN A 3 -18.16 10.16 0.48
N ARG A 4 -18.20 10.88 1.59
CA ARG A 4 -17.03 11.63 2.04
C ARG A 4 -15.81 10.71 2.08
N LEU A 5 -16.06 9.42 2.14
CA LEU A 5 -14.99 8.44 2.19
C LEU A 5 -15.00 7.64 0.88
N GLY A 6 -13.87 6.99 0.62
CA GLY A 6 -13.72 6.19 -0.58
C GLY A 6 -12.30 5.65 -0.72
N THR A 7 -11.54 6.33 -1.56
CA THR A 7 -10.15 5.94 -1.80
C THR A 7 -9.35 6.01 -0.49
N TRP A 8 -9.90 6.74 0.46
CA TRP A 8 -9.25 6.89 1.76
C TRP A 8 -8.78 5.51 2.21
N TRP A 9 -9.47 4.49 1.74
CA TRP A 9 -9.13 3.12 2.09
C TRP A 9 -8.23 2.57 0.98
N VAL A 10 -8.56 2.93 -0.25
CA VAL A 10 -7.79 2.47 -1.39
C VAL A 10 -6.32 2.84 -1.19
N ALA A 11 -6.11 3.86 -0.38
CA ALA A 11 -4.76 4.33 -0.10
C ALA A 11 -4.09 3.35 0.88
N ILE A 12 -4.91 2.75 1.72
CA ILE A 12 -4.41 1.79 2.70
C ILE A 12 -3.88 0.55 1.97
N LEU A 13 -4.68 0.08 1.04
CA LEU A 13 -4.31 -1.10 0.26
C LEU A 13 -3.13 -0.76 -0.65
N CYS A 14 -2.92 0.54 -0.83
CA CYS A 14 -1.84 1.01 -1.67
C CYS A 14 -0.70 1.49 -0.76
N MET A 15 -1.00 1.55 0.53
CA MET A 15 -0.01 1.98 1.51
C MET A 15 0.55 0.79 2.28
N LEU A 16 -0.32 -0.17 2.54
CA LEU A 16 0.08 -1.37 3.28
C LEU A 16 0.87 -2.29 2.35
N LEU A 17 0.69 -2.06 1.04
CA LEU A 17 1.38 -2.86 0.05
C LEU A 17 2.64 -2.13 -0.42
N ALA A 18 2.57 -0.81 -0.35
CA ALA A 18 3.69 0.02 -0.77
C ALA A 18 4.99 -0.62 -0.27
N SER A 19 5.24 -0.47 1.01
CA SER A 19 6.44 -1.02 1.63
C SER A 19 6.66 -2.46 1.14
N HIS A 20 5.59 -3.24 1.20
CA HIS A 20 5.66 -4.63 0.76
C HIS A 20 6.23 -4.69 -0.66
N LEU A 21 5.82 -3.73 -1.47
CA LEU A 21 6.28 -3.67 -2.85
C LEU A 21 6.99 -2.33 -3.09
N SER A 22 7.87 -1.98 -2.14
CA SER A 22 8.61 -0.74 -2.24
C SER A 22 9.97 -0.88 -1.55
N THR A 23 9.95 -0.71 -0.23
CA THR A 23 11.16 -0.83 0.54
C THR A 23 11.49 -2.30 0.83
N VAL A 24 10.56 -3.16 0.41
CA VAL A 24 10.73 -4.58 0.63
C VAL A 24 12.08 -5.02 0.03
N LYS A 25 12.56 -4.23 -0.91
CA LYS A 25 13.83 -4.53 -1.56
C LYS A 25 14.92 -4.69 -0.50
N ALA A 26 16.14 -4.88 -0.97
CA ALA A 26 17.26 -5.04 -0.07
C ALA A 26 18.45 -4.23 -0.59
N ARG A 27 18.22 -2.93 -0.74
CA ARG A 27 19.25 -2.04 -1.23
C ARG A 27 20.47 -2.08 -0.31
N GLY A 28 20.53 -1.12 0.60
CA GLY A 28 21.64 -1.04 1.55
C GLY A 28 22.04 0.41 1.80
N ILE A 29 21.95 1.20 0.75
CA ILE A 29 22.30 2.62 0.84
C ILE A 29 21.06 3.47 0.53
N LYS A 30 21.18 4.75 0.84
CA LYS A 30 20.09 5.67 0.60
C LYS A 30 20.54 6.75 -0.39
N MET A 1 -21.85 5.45 -6.82
CA MET A 1 -20.75 6.38 -7.03
C MET A 1 -20.70 7.42 -5.92
N LYS A 2 -20.17 7.01 -4.78
CA LYS A 2 -20.05 7.89 -3.64
C LYS A 2 -19.10 9.05 -3.99
N ASN A 3 -18.32 8.82 -5.03
CA ASN A 3 -17.37 9.83 -5.46
C ASN A 3 -16.24 9.96 -4.44
N ARG A 4 -16.63 10.42 -3.25
CA ARG A 4 -15.67 10.59 -2.18
C ARG A 4 -15.05 9.25 -1.79
N LEU A 5 -15.67 8.61 -0.80
CA LEU A 5 -15.19 7.33 -0.33
C LEU A 5 -14.99 6.39 -1.53
N GLY A 6 -14.43 5.23 -1.24
CA GLY A 6 -14.18 4.25 -2.28
C GLY A 6 -12.72 4.30 -2.75
N THR A 7 -11.90 4.99 -1.97
CA THR A 7 -10.50 5.12 -2.29
C THR A 7 -9.70 5.52 -1.04
N TRP A 8 -10.26 6.48 -0.31
CA TRP A 8 -9.61 6.96 0.90
C TRP A 8 -9.04 5.75 1.65
N TRP A 9 -9.83 4.67 1.65
CA TRP A 9 -9.42 3.45 2.32
C TRP A 9 -8.38 2.76 1.44
N VAL A 10 -8.69 2.66 0.17
CA VAL A 10 -7.80 2.02 -0.78
C VAL A 10 -6.36 2.47 -0.49
N ALA A 11 -6.23 3.73 -0.12
CA ALA A 11 -4.92 4.29 0.18
C ALA A 11 -4.16 3.34 1.09
N ILE A 12 -4.90 2.79 2.06
CA ILE A 12 -4.29 1.86 3.01
C ILE A 12 -3.67 0.69 2.24
N LEU A 13 -4.43 0.18 1.29
CA LEU A 13 -3.96 -0.95 0.48
C LEU A 13 -2.78 -0.48 -0.38
N CYS A 14 -2.73 0.82 -0.62
CA CYS A 14 -1.67 1.40 -1.42
C CYS A 14 -0.56 1.86 -0.48
N MET A 15 -0.85 1.80 0.81
CA MET A 15 0.11 2.21 1.82
C MET A 15 0.71 1.00 2.54
N LEU A 16 -0.07 -0.07 2.59
CA LEU A 16 0.37 -1.29 3.23
C LEU A 16 1.09 -2.17 2.21
N LEU A 17 0.43 -2.35 1.08
CA LEU A 17 0.99 -3.17 0.01
C LEU A 17 2.43 -2.76 -0.24
N ALA A 18 2.65 -1.44 -0.27
CA ALA A 18 3.98 -0.91 -0.50
C ALA A 18 5.00 -1.74 0.27
N SER A 19 4.99 -1.57 1.58
CA SER A 19 5.91 -2.30 2.44
C SER A 19 5.88 -3.79 2.09
N HIS A 20 4.67 -4.33 2.10
CA HIS A 20 4.49 -5.75 1.80
C HIS A 20 5.42 -6.15 0.65
N LEU A 21 5.45 -5.30 -0.38
CA LEU A 21 6.29 -5.56 -1.53
C LEU A 21 7.25 -4.38 -1.72
N SER A 22 7.98 -4.08 -0.67
CA SER A 22 8.94 -2.98 -0.70
C SER A 22 10.00 -3.17 0.38
N THR A 23 9.54 -3.21 1.62
CA THR A 23 10.42 -3.39 2.75
C THR A 23 9.91 -4.50 3.67
N VAL A 24 9.12 -5.39 3.09
CA VAL A 24 8.55 -6.49 3.85
C VAL A 24 9.16 -7.81 3.35
N LYS A 25 9.80 -7.73 2.19
CA LYS A 25 10.42 -8.89 1.60
C LYS A 25 11.73 -9.20 2.34
N ALA A 26 12.22 -10.41 2.13
CA ALA A 26 13.46 -10.83 2.77
C ALA A 26 13.15 -11.29 4.19
N ARG A 27 11.90 -11.14 4.58
CA ARG A 27 11.47 -11.54 5.91
C ARG A 27 10.50 -12.73 5.83
N GLY A 28 9.76 -12.77 4.72
CA GLY A 28 8.80 -13.84 4.51
C GLY A 28 8.02 -14.13 5.79
N ILE A 29 7.67 -13.07 6.50
CA ILE A 29 6.93 -13.20 7.74
C ILE A 29 7.69 -14.13 8.70
N LYS A 30 8.51 -13.51 9.54
CA LYS A 30 9.30 -14.26 10.50
C LYS A 30 9.78 -13.32 11.61
N MET A 1 -17.25 16.48 1.25
CA MET A 1 -17.16 15.29 0.41
C MET A 1 -17.36 14.02 1.25
N LYS A 2 -18.39 13.26 0.88
CA LYS A 2 -18.69 12.03 1.59
C LYS A 2 -19.57 11.15 0.70
N ASN A 3 -19.11 10.96 -0.53
CA ASN A 3 -19.84 10.14 -1.48
C ASN A 3 -18.94 9.85 -2.69
N ARG A 4 -18.40 10.93 -3.25
CA ARG A 4 -17.53 10.81 -4.41
C ARG A 4 -16.28 9.99 -4.06
N LEU A 5 -15.99 9.95 -2.76
CA LEU A 5 -14.84 9.22 -2.28
C LEU A 5 -14.82 7.83 -2.92
N GLY A 6 -13.64 7.22 -2.92
CA GLY A 6 -13.47 5.90 -3.50
C GLY A 6 -12.00 5.62 -3.80
N THR A 7 -11.15 5.99 -2.86
CA THR A 7 -9.72 5.79 -3.01
C THR A 7 -8.98 6.19 -1.73
N TRP A 8 -9.40 7.30 -1.16
CA TRP A 8 -8.80 7.81 0.06
C TRP A 8 -8.54 6.61 0.98
N TRP A 9 -9.51 5.72 1.02
CA TRP A 9 -9.40 4.53 1.85
C TRP A 9 -8.42 3.57 1.18
N VAL A 10 -8.63 3.37 -0.12
CA VAL A 10 -7.76 2.49 -0.89
C VAL A 10 -6.30 2.72 -0.49
N ALA A 11 -6.00 3.99 -0.25
CA ALA A 11 -4.64 4.35 0.13
C ALA A 11 -4.13 3.38 1.19
N ILE A 12 -5.05 2.91 2.03
CA ILE A 12 -4.70 1.98 3.07
C ILE A 12 -4.09 0.72 2.46
N LEU A 13 -4.76 0.21 1.43
CA LEU A 13 -4.29 -0.98 0.75
C LEU A 13 -3.07 -0.62 -0.11
N CYS A 14 -2.94 0.67 -0.37
CA CYS A 14 -1.84 1.16 -1.18
C CYS A 14 -0.77 1.73 -0.25
N MET A 15 -0.99 1.52 1.05
CA MET A 15 -0.06 2.00 2.05
C MET A 15 0.70 0.84 2.70
N LEU A 16 0.03 -0.31 2.77
CA LEU A 16 0.63 -1.49 3.36
C LEU A 16 1.37 -2.27 2.28
N LEU A 17 0.71 -2.43 1.15
CA LEU A 17 1.29 -3.16 0.03
C LEU A 17 2.61 -2.49 -0.37
N ALA A 18 2.66 -1.18 -0.15
CA ALA A 18 3.85 -0.41 -0.49
C ALA A 18 5.09 -1.22 -0.12
N SER A 19 5.31 -1.36 1.18
CA SER A 19 6.45 -2.11 1.67
C SER A 19 6.49 -3.50 1.02
N HIS A 20 5.37 -4.19 1.13
CA HIS A 20 5.25 -5.52 0.56
C HIS A 20 5.97 -5.57 -0.79
N LEU A 21 5.73 -4.53 -1.58
CA LEU A 21 6.34 -4.44 -2.89
C LEU A 21 7.19 -3.18 -2.97
N SER A 22 8.08 -3.04 -2.00
CA SER A 22 8.96 -1.88 -1.95
C SER A 22 10.17 -2.17 -1.06
N THR A 23 9.89 -2.32 0.22
CA THR A 23 10.94 -2.61 1.19
C THR A 23 10.95 -4.10 1.54
N VAL A 24 9.79 -4.72 1.40
CA VAL A 24 9.64 -6.14 1.69
C VAL A 24 10.48 -6.95 0.70
N LYS A 25 10.87 -6.27 -0.38
CA LYS A 25 11.67 -6.91 -1.41
C LYS A 25 12.77 -7.75 -0.75
N ALA A 26 13.35 -8.64 -1.54
CA ALA A 26 14.42 -9.50 -1.04
C ALA A 26 14.74 -10.56 -2.10
N ARG A 27 15.25 -10.10 -3.23
CA ARG A 27 15.60 -11.00 -4.31
C ARG A 27 17.11 -11.14 -4.41
N GLY A 28 17.81 -10.05 -4.11
CA GLY A 28 19.26 -10.05 -4.16
C GLY A 28 19.86 -10.65 -2.89
N ILE A 29 19.83 -11.98 -2.84
CA ILE A 29 20.37 -12.69 -1.70
C ILE A 29 21.82 -13.08 -1.99
N LYS A 30 22.12 -13.22 -3.26
CA LYS A 30 23.46 -13.60 -3.68
C LYS A 30 24.48 -12.79 -2.88
N MET A 1 -17.47 1.79 -6.11
CA MET A 1 -16.08 2.18 -5.97
C MET A 1 -15.80 3.50 -6.70
N LYS A 2 -16.08 4.59 -5.99
CA LYS A 2 -15.87 5.91 -6.55
C LYS A 2 -14.79 6.64 -5.74
N ASN A 3 -14.52 7.86 -6.15
CA ASN A 3 -13.51 8.67 -5.47
C ASN A 3 -14.18 9.47 -4.35
N ARG A 4 -13.34 10.11 -3.54
CA ARG A 4 -13.84 10.91 -2.44
C ARG A 4 -14.58 10.03 -1.44
N LEU A 5 -14.41 8.72 -1.60
CA LEU A 5 -15.07 7.77 -0.72
C LEU A 5 -14.38 6.41 -0.86
N GLY A 6 -14.81 5.66 -1.87
CA GLY A 6 -14.25 4.35 -2.12
C GLY A 6 -12.81 4.45 -2.61
N THR A 7 -11.97 5.06 -1.77
CA THR A 7 -10.57 5.22 -2.09
C THR A 7 -9.77 5.59 -0.84
N TRP A 8 -10.32 6.52 -0.07
CA TRP A 8 -9.67 6.97 1.14
C TRP A 8 -9.11 5.74 1.85
N TRP A 9 -9.89 4.67 1.85
CA TRP A 9 -9.48 3.44 2.49
C TRP A 9 -8.45 2.76 1.58
N VAL A 10 -8.77 2.71 0.30
CA VAL A 10 -7.87 2.10 -0.67
C VAL A 10 -6.43 2.54 -0.38
N ALA A 11 -6.30 3.78 0.03
CA ALA A 11 -4.99 4.34 0.34
C ALA A 11 -4.23 3.35 1.23
N ILE A 12 -4.96 2.75 2.15
CA ILE A 12 -4.37 1.78 3.06
C ILE A 12 -3.80 0.61 2.26
N LEU A 13 -4.59 0.15 1.31
CA LEU A 13 -4.17 -0.97 0.46
C LEU A 13 -3.00 -0.52 -0.42
N CYS A 14 -2.87 0.80 -0.56
CA CYS A 14 -1.81 1.35 -1.37
C CYS A 14 -0.70 1.85 -0.44
N MET A 15 -0.97 1.75 0.85
CA MET A 15 -0.02 2.17 1.86
C MET A 15 0.61 0.98 2.58
N LEU A 16 -0.19 -0.08 2.71
CA LEU A 16 0.26 -1.28 3.37
C LEU A 16 0.95 -2.19 2.34
N LEU A 17 0.31 -2.32 1.19
CA LEU A 17 0.85 -3.15 0.12
C LEU A 17 2.28 -2.70 -0.20
N ALA A 18 2.47 -1.39 -0.17
CA ALA A 18 3.77 -0.81 -0.45
C ALA A 18 4.85 -1.68 0.19
N SER A 19 4.87 -1.66 1.51
CA SER A 19 5.85 -2.44 2.26
C SER A 19 5.81 -3.90 1.81
N HIS A 20 4.61 -4.47 1.83
CA HIS A 20 4.42 -5.85 1.43
C HIS A 20 5.31 -6.15 0.21
N LEU A 21 5.27 -5.23 -0.74
CA LEU A 21 6.06 -5.37 -1.96
C LEU A 21 7.04 -4.20 -2.07
N SER A 22 7.80 -4.01 -1.00
CA SER A 22 8.77 -2.93 -0.97
C SER A 22 9.83 -3.22 0.09
N THR A 23 9.38 -3.17 1.34
CA THR A 23 10.28 -3.41 2.46
C THR A 23 10.08 -4.83 3.01
N VAL A 24 8.86 -5.33 2.82
CA VAL A 24 8.53 -6.67 3.29
C VAL A 24 9.40 -7.69 2.55
N LYS A 25 10.00 -7.24 1.46
CA LYS A 25 10.86 -8.10 0.66
C LYS A 25 11.71 -8.97 1.59
N ALA A 26 12.00 -10.17 1.12
CA ALA A 26 12.81 -11.10 1.90
C ALA A 26 12.08 -11.41 3.21
N ARG A 27 10.96 -12.10 3.10
CA ARG A 27 10.18 -12.47 4.26
C ARG A 27 11.05 -13.18 5.29
N GLY A 28 12.17 -13.70 4.81
CA GLY A 28 13.10 -14.40 5.67
C GLY A 28 14.06 -13.42 6.36
N ILE A 29 13.47 -12.53 7.14
CA ILE A 29 14.26 -11.53 7.86
C ILE A 29 14.98 -10.63 6.85
N LYS A 30 16.28 -10.87 6.72
CA LYS A 30 17.09 -10.08 5.80
C LYS A 30 16.43 -10.10 4.42
N MET A 1 -9.89 7.01 -8.78
CA MET A 1 -10.14 6.19 -9.96
C MET A 1 -11.53 6.48 -10.54
N LYS A 2 -12.54 6.08 -9.78
CA LYS A 2 -13.92 6.29 -10.20
C LYS A 2 -14.84 6.18 -8.98
N ASN A 3 -14.69 7.13 -8.08
CA ASN A 3 -15.51 7.16 -6.87
C ASN A 3 -15.35 8.51 -6.17
N ARG A 4 -16.22 8.75 -5.22
CA ARG A 4 -16.18 10.00 -4.47
C ARG A 4 -15.85 9.72 -3.00
N LEU A 5 -15.68 8.45 -2.69
CA LEU A 5 -15.35 8.04 -1.33
C LEU A 5 -14.77 6.62 -1.35
N GLY A 6 -14.32 6.18 -0.19
CA GLY A 6 -13.74 4.85 -0.06
C GLY A 6 -12.24 4.89 -0.33
N THR A 7 -11.86 5.76 -1.26
CA THR A 7 -10.45 5.90 -1.61
C THR A 7 -9.58 5.98 -0.36
N TRP A 8 -10.21 6.41 0.73
CA TRP A 8 -9.51 6.53 2.00
C TRP A 8 -8.91 5.16 2.34
N TRP A 9 -9.63 4.12 1.95
CA TRP A 9 -9.19 2.77 2.21
C TRP A 9 -8.24 2.36 1.09
N VAL A 10 -8.60 2.74 -0.12
CA VAL A 10 -7.79 2.43 -1.28
C VAL A 10 -6.34 2.82 -1.01
N ALA A 11 -6.18 3.86 -0.21
CA ALA A 11 -4.86 4.35 0.14
C ALA A 11 -4.21 3.38 1.12
N ILE A 12 -5.04 2.75 1.93
CA ILE A 12 -4.56 1.79 2.91
C ILE A 12 -3.94 0.59 2.19
N LEU A 13 -4.67 0.08 1.22
CA LEU A 13 -4.20 -1.07 0.46
C LEU A 13 -3.00 -0.64 -0.40
N CYS A 14 -2.86 0.67 -0.56
CA CYS A 14 -1.77 1.21 -1.35
C CYS A 14 -0.70 1.71 -0.39
N MET A 15 -1.03 1.68 0.90
CA MET A 15 -0.10 2.13 1.92
C MET A 15 0.54 0.94 2.63
N LEU A 16 -0.21 -0.13 2.73
CA LEU A 16 0.28 -1.33 3.38
C LEU A 16 1.09 -2.16 2.37
N LEU A 17 0.56 -2.24 1.16
CA LEU A 17 1.23 -2.99 0.11
C LEU A 17 2.52 -2.27 -0.29
N ALA A 18 2.52 -0.96 -0.05
CA ALA A 18 3.68 -0.14 -0.38
C ALA A 18 4.95 -0.91 -0.04
N SER A 19 5.18 -1.09 1.25
CA SER A 19 6.35 -1.80 1.72
C SER A 19 6.43 -3.18 1.06
N HIS A 20 5.31 -3.90 1.15
CA HIS A 20 5.24 -5.23 0.57
C HIS A 20 5.96 -5.25 -0.78
N LEU A 21 5.68 -4.22 -1.57
CA LEU A 21 6.29 -4.10 -2.88
C LEU A 21 7.08 -2.79 -2.96
N SER A 22 7.98 -2.63 -2.00
CA SER A 22 8.80 -1.43 -1.94
C SER A 22 10.03 -1.68 -1.08
N THR A 23 9.80 -1.83 0.21
CA THR A 23 10.88 -2.08 1.15
C THR A 23 10.91 -3.55 1.55
N VAL A 24 9.83 -4.24 1.25
CA VAL A 24 9.71 -5.65 1.56
C VAL A 24 10.42 -6.47 0.47
N LYS A 25 10.67 -5.80 -0.65
CA LYS A 25 11.33 -6.46 -1.77
C LYS A 25 12.84 -6.35 -1.59
N ALA A 26 13.50 -7.50 -1.68
CA ALA A 26 14.94 -7.56 -1.53
C ALA A 26 15.43 -8.99 -1.79
N ARG A 27 15.14 -9.47 -2.98
CA ARG A 27 15.53 -10.82 -3.36
C ARG A 27 16.86 -10.78 -4.12
N GLY A 28 17.19 -9.60 -4.63
CA GLY A 28 18.43 -9.42 -5.36
C GLY A 28 19.58 -10.17 -4.70
N ILE A 29 19.69 -9.98 -3.39
CA ILE A 29 20.73 -10.63 -2.62
C ILE A 29 20.10 -11.51 -1.53
N LYS A 30 20.09 -12.80 -1.79
CA LYS A 30 19.52 -13.75 -0.86
C LYS A 30 20.62 -14.25 0.09
N MET A 1 -15.85 17.50 -9.57
CA MET A 1 -16.27 16.48 -8.63
C MET A 1 -15.08 15.66 -8.12
N LYS A 2 -14.90 15.69 -6.80
CA LYS A 2 -13.81 14.97 -6.19
C LYS A 2 -14.34 13.63 -5.63
N ASN A 3 -13.42 12.86 -5.07
CA ASN A 3 -13.77 11.57 -4.50
C ASN A 3 -13.62 11.63 -2.98
N ARG A 4 -14.74 11.88 -2.32
CA ARG A 4 -14.75 11.96 -0.87
C ARG A 4 -14.64 10.56 -0.25
N LEU A 5 -14.77 9.56 -1.11
CA LEU A 5 -14.67 8.18 -0.66
C LEU A 5 -14.56 7.26 -1.89
N GLY A 6 -14.24 6.01 -1.61
CA GLY A 6 -14.09 5.03 -2.68
C GLY A 6 -12.63 4.92 -3.11
N THR A 7 -11.77 5.60 -2.38
CA THR A 7 -10.34 5.58 -2.68
C THR A 7 -9.54 6.01 -1.45
N TRP A 8 -9.97 7.11 -0.85
CA TRP A 8 -9.31 7.63 0.33
C TRP A 8 -8.94 6.45 1.23
N TRP A 9 -9.82 5.47 1.26
CA TRP A 9 -9.61 4.28 2.08
C TRP A 9 -8.65 3.37 1.32
N VAL A 10 -8.93 3.18 0.04
CA VAL A 10 -8.10 2.33 -0.79
C VAL A 10 -6.62 2.62 -0.49
N ALA A 11 -6.34 3.89 -0.25
CA ALA A 11 -4.98 4.31 0.04
C ALA A 11 -4.38 3.37 1.08
N ILE A 12 -5.22 2.97 2.03
CA ILE A 12 -4.78 2.07 3.09
C ILE A 12 -4.21 0.80 2.47
N LEU A 13 -4.93 0.30 1.47
CA LEU A 13 -4.52 -0.91 0.79
C LEU A 13 -3.31 -0.61 -0.10
N CYS A 14 -3.18 0.66 -0.45
CA CYS A 14 -2.07 1.09 -1.29
C CYS A 14 -0.99 1.67 -0.38
N MET A 15 -1.20 1.53 0.91
CA MET A 15 -0.26 2.03 1.89
C MET A 15 0.48 0.89 2.57
N LEU A 16 -0.19 -0.25 2.64
CA LEU A 16 0.39 -1.43 3.27
C LEU A 16 1.07 -2.29 2.20
N LEU A 17 0.38 -2.44 1.08
CA LEU A 17 0.90 -3.23 -0.02
C LEU A 17 2.35 -2.80 -0.31
N ALA A 18 2.54 -1.49 -0.36
CA ALA A 18 3.85 -0.93 -0.63
C ALA A 18 4.91 -1.77 0.12
N SER A 19 4.89 -1.65 1.44
CA SER A 19 5.83 -2.38 2.26
C SER A 19 5.58 -3.88 2.14
N HIS A 20 4.31 -4.23 1.99
CA HIS A 20 3.91 -5.62 1.87
C HIS A 20 4.85 -6.33 0.88
N LEU A 21 5.18 -5.62 -0.19
CA LEU A 21 6.06 -6.17 -1.21
C LEU A 21 7.36 -5.35 -1.24
N SER A 22 7.89 -5.10 -0.06
CA SER A 22 9.12 -4.34 0.06
C SER A 22 10.00 -4.93 1.16
N THR A 23 9.59 -4.69 2.40
CA THR A 23 10.33 -5.19 3.55
C THR A 23 9.50 -6.22 4.30
N VAL A 24 8.23 -6.32 3.92
CA VAL A 24 7.33 -7.27 4.54
C VAL A 24 7.80 -8.69 4.23
N LYS A 25 8.55 -8.81 3.15
CA LYS A 25 9.07 -10.10 2.74
C LYS A 25 10.31 -10.45 3.57
N ALA A 26 10.28 -11.63 4.16
CA ALA A 26 11.39 -12.08 4.98
C ALA A 26 11.13 -13.53 5.42
N ARG A 27 10.02 -13.71 6.09
CA ARG A 27 9.65 -15.03 6.58
C ARG A 27 8.95 -15.83 5.48
N GLY A 28 8.42 -15.09 4.50
CA GLY A 28 7.73 -15.71 3.39
C GLY A 28 6.21 -15.65 3.57
N ILE A 29 5.80 -15.79 4.82
CA ILE A 29 4.38 -15.75 5.15
C ILE A 29 3.69 -16.97 4.54
N LYS A 30 2.98 -16.71 3.44
CA LYS A 30 2.27 -17.77 2.75
C LYS A 30 1.00 -18.12 3.53
N MET A 1 -13.80 7.11 10.59
CA MET A 1 -14.02 8.25 11.47
C MET A 1 -15.12 9.16 10.91
N LYS A 2 -14.86 9.67 9.71
CA LYS A 2 -15.81 10.56 9.06
C LYS A 2 -16.75 9.73 8.18
N ASN A 3 -17.87 10.34 7.82
CA ASN A 3 -18.86 9.67 6.99
C ASN A 3 -18.58 10.00 5.52
N ARG A 4 -17.60 9.30 4.97
CA ARG A 4 -17.23 9.50 3.58
C ARG A 4 -16.32 8.36 3.11
N LEU A 5 -15.02 8.59 3.22
CA LEU A 5 -14.04 7.61 2.82
C LEU A 5 -13.93 7.62 1.28
N GLY A 6 -13.80 6.42 0.73
CA GLY A 6 -13.68 6.28 -0.71
C GLY A 6 -12.31 5.70 -1.10
N THR A 7 -11.30 6.55 -1.02
CA THR A 7 -9.95 6.15 -1.34
C THR A 7 -9.10 6.04 -0.08
N TRP A 8 -9.56 6.70 0.97
CA TRP A 8 -8.85 6.70 2.24
C TRP A 8 -8.38 5.27 2.50
N TRP A 9 -9.24 4.32 2.15
CA TRP A 9 -8.91 2.91 2.34
C TRP A 9 -8.02 2.47 1.18
N VAL A 10 -8.40 2.90 -0.01
CA VAL A 10 -7.65 2.55 -1.21
C VAL A 10 -6.17 2.89 -0.99
N ALA A 11 -5.95 3.88 -0.13
CA ALA A 11 -4.58 4.30 0.16
C ALA A 11 -3.93 3.28 1.10
N ILE A 12 -4.76 2.67 1.94
CA ILE A 12 -4.28 1.68 2.88
C ILE A 12 -3.74 0.48 2.11
N LEU A 13 -4.53 0.01 1.16
CA LEU A 13 -4.15 -1.13 0.35
C LEU A 13 -2.95 -0.75 -0.52
N CYS A 14 -2.77 0.56 -0.68
CA CYS A 14 -1.66 1.07 -1.48
C CYS A 14 -0.53 1.46 -0.54
N MET A 15 -0.84 1.46 0.75
CA MET A 15 0.15 1.80 1.76
C MET A 15 0.73 0.54 2.42
N LEU A 16 -0.14 -0.44 2.61
CA LEU A 16 0.27 -1.68 3.23
C LEU A 16 1.07 -2.50 2.21
N LEU A 17 0.85 -2.20 0.94
CA LEU A 17 1.54 -2.90 -0.12
C LEU A 17 2.81 -2.12 -0.50
N ALA A 18 2.74 -0.81 -0.31
CA ALA A 18 3.86 0.05 -0.63
C ALA A 18 5.16 -0.63 -0.20
N SER A 19 5.43 -0.56 1.10
CA SER A 19 6.64 -1.15 1.65
C SER A 19 6.84 -2.55 1.05
N HIS A 20 5.78 -3.34 1.10
CA HIS A 20 5.84 -4.70 0.56
C HIS A 20 6.40 -4.66 -0.86
N LEU A 21 6.03 -3.63 -1.59
CA LEU A 21 6.49 -3.48 -2.95
C LEU A 21 7.14 -2.09 -3.12
N SER A 22 8.04 -1.80 -2.19
CA SER A 22 8.74 -0.51 -2.22
C SER A 22 10.13 -0.67 -1.60
N THR A 23 10.14 -1.05 -0.33
CA THR A 23 11.39 -1.23 0.39
C THR A 23 11.81 -2.70 0.35
N VAL A 24 10.84 -3.56 0.07
CA VAL A 24 11.10 -4.99 0.00
C VAL A 24 12.27 -5.25 -0.94
N LYS A 25 12.51 -4.28 -1.81
CA LYS A 25 13.60 -4.39 -2.78
C LYS A 25 14.93 -4.24 -2.04
N ALA A 26 15.84 -5.17 -2.31
CA ALA A 26 17.15 -5.14 -1.69
C ALA A 26 18.21 -5.36 -2.76
N ARG A 27 18.14 -6.53 -3.40
CA ARG A 27 19.09 -6.87 -4.44
C ARG A 27 18.40 -6.86 -5.81
N GLY A 28 17.09 -6.99 -5.78
CA GLY A 28 16.31 -7.00 -7.01
C GLY A 28 16.96 -7.88 -8.06
N ILE A 29 17.61 -8.94 -7.59
CA ILE A 29 18.28 -9.87 -8.49
C ILE A 29 19.25 -9.10 -9.39
N LYS A 30 18.83 -8.92 -10.64
CA LYS A 30 19.64 -8.21 -11.61
C LYS A 30 21.11 -8.62 -11.44
N MET A 1 -15.49 5.50 -7.66
CA MET A 1 -14.07 5.82 -7.69
C MET A 1 -13.85 7.33 -7.77
N LYS A 2 -14.57 8.06 -6.93
CA LYS A 2 -14.47 9.50 -6.88
C LYS A 2 -13.19 9.90 -6.17
N ASN A 3 -13.34 10.33 -4.92
CA ASN A 3 -12.21 10.74 -4.11
C ASN A 3 -12.64 10.81 -2.64
N ARG A 4 -13.79 11.41 -2.42
CA ARG A 4 -14.33 11.55 -1.08
C ARG A 4 -14.31 10.20 -0.36
N LEU A 5 -14.29 9.14 -1.15
CA LEU A 5 -14.27 7.80 -0.60
C LEU A 5 -13.87 6.81 -1.71
N GLY A 6 -14.34 5.58 -1.55
CA GLY A 6 -14.05 4.53 -2.51
C GLY A 6 -12.61 4.65 -3.02
N THR A 7 -11.75 5.17 -2.15
CA THR A 7 -10.35 5.33 -2.50
C THR A 7 -9.55 5.77 -1.26
N TRP A 8 -10.06 6.78 -0.58
CA TRP A 8 -9.41 7.30 0.60
C TRP A 8 -8.92 6.11 1.43
N TRP A 9 -9.74 5.07 1.45
CA TRP A 9 -9.40 3.87 2.19
C TRP A 9 -8.38 3.07 1.37
N VAL A 10 -8.69 2.93 0.09
CA VAL A 10 -7.81 2.20 -0.80
C VAL A 10 -6.36 2.58 -0.53
N ALA A 11 -6.17 3.85 -0.21
CA ALA A 11 -4.84 4.35 0.09
C ALA A 11 -4.14 3.41 1.07
N ILE A 12 -4.93 2.93 2.03
CA ILE A 12 -4.41 2.01 3.03
C ILE A 12 -3.81 0.78 2.34
N LEU A 13 -4.55 0.28 1.37
CA LEU A 13 -4.10 -0.89 0.62
C LEU A 13 -2.90 -0.51 -0.24
N CYS A 14 -2.81 0.78 -0.54
CA CYS A 14 -1.72 1.28 -1.36
C CYS A 14 -0.65 1.86 -0.43
N MET A 15 -0.90 1.73 0.86
CA MET A 15 0.03 2.22 1.86
C MET A 15 0.72 1.08 2.59
N LEU A 16 0.03 -0.05 2.63
CA LEU A 16 0.57 -1.24 3.29
C LEU A 16 1.26 -2.12 2.26
N LEU A 17 0.56 -2.36 1.17
CA LEU A 17 1.08 -3.19 0.10
C LEU A 17 2.46 -2.65 -0.32
N ALA A 18 2.61 -1.34 -0.19
CA ALA A 18 3.86 -0.70 -0.55
C ALA A 18 5.04 -1.58 -0.10
N SER A 19 5.36 -1.47 1.18
CA SER A 19 6.44 -2.26 1.74
C SER A 19 6.35 -3.70 1.26
N HIS A 20 5.18 -4.29 1.46
CA HIS A 20 4.96 -5.67 1.06
C HIS A 20 5.63 -5.92 -0.29
N LEU A 21 5.49 -4.95 -1.18
CA LEU A 21 6.08 -5.06 -2.50
C LEU A 21 7.16 -3.99 -2.66
N SER A 22 8.01 -3.89 -1.64
CA SER A 22 9.08 -2.92 -1.66
C SER A 22 10.36 -3.55 -1.08
N THR A 23 10.34 -3.76 0.23
CA THR A 23 11.46 -4.35 0.91
C THR A 23 11.03 -5.59 1.70
N VAL A 24 9.75 -5.90 1.59
CA VAL A 24 9.20 -7.05 2.29
C VAL A 24 9.72 -8.33 1.63
N LYS A 25 10.18 -8.19 0.40
CA LYS A 25 10.70 -9.32 -0.34
C LYS A 25 11.59 -10.16 0.58
N ALA A 26 11.85 -11.38 0.14
CA ALA A 26 12.69 -12.28 0.91
C ALA A 26 12.64 -13.68 0.27
N ARG A 27 11.50 -14.33 0.43
CA ARG A 27 11.32 -15.67 -0.12
C ARG A 27 11.52 -15.64 -1.63
N GLY A 28 11.37 -14.46 -2.20
CA GLY A 28 11.53 -14.29 -3.64
C GLY A 28 10.48 -15.09 -4.41
N ILE A 29 10.69 -16.40 -4.46
CA ILE A 29 9.78 -17.28 -5.16
C ILE A 29 8.33 -16.87 -4.83
N LYS A 30 7.75 -16.10 -5.72
CA LYS A 30 6.38 -15.64 -5.53
C LYS A 30 5.41 -16.76 -5.92
N MET A 1 -6.32 11.05 -6.03
CA MET A 1 -6.85 12.29 -6.56
C MET A 1 -8.30 12.50 -6.12
N LYS A 2 -8.47 13.41 -5.17
CA LYS A 2 -9.80 13.71 -4.65
C LYS A 2 -10.54 12.40 -4.36
N ASN A 3 -10.40 11.93 -3.14
CA ASN A 3 -11.06 10.70 -2.72
C ASN A 3 -11.95 10.98 -1.53
N ARG A 4 -13.23 10.64 -1.68
CA ARG A 4 -14.20 10.84 -0.63
C ARG A 4 -14.69 9.50 -0.08
N LEU A 5 -14.53 8.47 -0.91
CA LEU A 5 -14.95 7.14 -0.53
C LEU A 5 -14.63 6.17 -1.66
N GLY A 6 -14.66 4.88 -1.33
CA GLY A 6 -14.37 3.84 -2.29
C GLY A 6 -12.94 3.97 -2.83
N THR A 7 -12.14 4.74 -2.10
CA THR A 7 -10.75 4.95 -2.49
C THR A 7 -9.94 5.47 -1.30
N TRP A 8 -10.51 6.49 -0.64
CA TRP A 8 -9.85 7.09 0.51
C TRP A 8 -9.26 5.96 1.36
N TRP A 9 -10.00 4.87 1.45
CA TRP A 9 -9.57 3.72 2.22
C TRP A 9 -8.53 2.97 1.39
N VAL A 10 -8.85 2.76 0.12
CA VAL A 10 -7.94 2.06 -0.77
C VAL A 10 -6.51 2.55 -0.53
N ALA A 11 -6.40 3.85 -0.28
CA ALA A 11 -5.10 4.45 -0.04
C ALA A 11 -4.34 3.60 0.97
N ILE A 12 -5.06 3.15 1.99
CA ILE A 12 -4.46 2.34 3.02
C ILE A 12 -3.87 1.07 2.41
N LEU A 13 -4.64 0.48 1.50
CA LEU A 13 -4.20 -0.73 0.82
C LEU A 13 -2.99 -0.41 -0.05
N CYS A 14 -2.88 0.86 -0.44
CA CYS A 14 -1.79 1.29 -1.27
C CYS A 14 -0.69 1.87 -0.36
N MET A 15 -1.04 2.02 0.91
CA MET A 15 -0.11 2.55 1.88
C MET A 15 0.50 1.43 2.73
N LEU A 16 -0.13 0.26 2.65
CA LEU A 16 0.33 -0.88 3.40
C LEU A 16 1.14 -1.80 2.47
N LEU A 17 0.55 -2.10 1.33
CA LEU A 17 1.20 -2.96 0.35
C LEU A 17 2.57 -2.38 0.00
N ALA A 18 2.64 -1.06 0.06
CA ALA A 18 3.88 -0.36 -0.26
C ALA A 18 5.06 -1.14 0.32
N SER A 19 5.15 -1.12 1.64
CA SER A 19 6.22 -1.83 2.33
C SER A 19 6.29 -3.28 1.84
N HIS A 20 5.15 -3.95 1.94
CA HIS A 20 5.08 -5.34 1.52
C HIS A 20 5.88 -5.53 0.24
N LEU A 21 5.74 -4.58 -0.67
CA LEU A 21 6.45 -4.64 -1.94
C LEU A 21 7.28 -3.37 -2.10
N SER A 22 8.11 -3.10 -1.10
CA SER A 22 8.96 -1.93 -1.12
C SER A 22 10.15 -2.12 -0.17
N THR A 23 9.81 -2.29 1.10
CA THR A 23 10.82 -2.49 2.13
C THR A 23 10.75 -3.91 2.69
N VAL A 24 9.55 -4.46 2.65
CA VAL A 24 9.33 -5.81 3.15
C VAL A 24 10.25 -6.78 2.41
N LYS A 25 9.86 -7.11 1.19
CA LYS A 25 10.63 -8.00 0.36
C LYS A 25 12.12 -7.70 0.53
N ALA A 26 12.89 -8.76 0.73
CA ALA A 26 14.32 -8.61 0.90
C ALA A 26 15.00 -9.98 0.72
N ARG A 27 14.92 -10.48 -0.50
CA ARG A 27 15.51 -11.76 -0.82
C ARG A 27 16.72 -11.58 -1.74
N GLY A 28 16.81 -10.39 -2.32
CA GLY A 28 17.91 -10.07 -3.22
C GLY A 28 18.31 -8.60 -3.10
N ILE A 29 18.39 -8.15 -1.85
CA ILE A 29 18.76 -6.77 -1.58
C ILE A 29 20.01 -6.75 -0.70
N LYS A 30 21.16 -6.75 -1.35
CA LYS A 30 22.43 -6.73 -0.65
C LYS A 30 23.57 -6.68 -1.66
N MET A 1 -19.17 12.89 5.96
CA MET A 1 -20.50 12.38 5.65
C MET A 1 -20.47 11.50 4.40
N LYS A 2 -20.23 12.16 3.27
CA LYS A 2 -20.18 11.46 1.99
C LYS A 2 -19.50 12.34 0.95
N ASN A 3 -18.98 11.70 -0.09
CA ASN A 3 -18.30 12.41 -1.14
C ASN A 3 -17.86 11.41 -2.23
N ARG A 4 -18.72 10.43 -2.46
CA ARG A 4 -18.43 9.41 -3.45
C ARG A 4 -17.41 8.41 -2.91
N LEU A 5 -16.29 8.94 -2.44
CA LEU A 5 -15.23 8.11 -1.89
C LEU A 5 -14.98 6.92 -2.83
N GLY A 6 -14.19 5.98 -2.34
CA GLY A 6 -13.87 4.80 -3.12
C GLY A 6 -12.37 4.76 -3.46
N THR A 7 -11.59 5.41 -2.61
CA THR A 7 -10.15 5.45 -2.80
C THR A 7 -9.45 5.81 -1.49
N TRP A 8 -10.02 6.79 -0.79
CA TRP A 8 -9.46 7.23 0.47
C TRP A 8 -9.03 6.00 1.26
N TRP A 9 -9.86 4.98 1.21
CA TRP A 9 -9.58 3.74 1.91
C TRP A 9 -8.50 3.00 1.12
N VAL A 10 -8.71 2.92 -0.18
CA VAL A 10 -7.77 2.24 -1.05
C VAL A 10 -6.35 2.61 -0.64
N ALA A 11 -6.17 3.87 -0.27
CA ALA A 11 -4.88 4.36 0.15
C ALA A 11 -4.23 3.36 1.11
N ILE A 12 -5.07 2.79 1.97
CA ILE A 12 -4.61 1.81 2.93
C ILE A 12 -3.98 0.62 2.19
N LEU A 13 -4.72 0.14 1.20
CA LEU A 13 -4.27 -0.98 0.41
C LEU A 13 -3.03 -0.57 -0.40
N CYS A 14 -2.86 0.74 -0.54
CA CYS A 14 -1.74 1.27 -1.28
C CYS A 14 -0.69 1.76 -0.28
N MET A 15 -1.03 1.62 1.00
CA MET A 15 -0.13 2.04 2.06
C MET A 15 0.48 0.83 2.78
N LEU A 16 -0.17 -0.30 2.60
CA LEU A 16 0.29 -1.54 3.22
C LEU A 16 1.07 -2.35 2.19
N LEU A 17 0.74 -2.15 0.94
CA LEU A 17 1.40 -2.86 -0.15
C LEU A 17 2.69 -2.12 -0.52
N ALA A 18 2.71 -0.84 -0.20
CA ALA A 18 3.86 -0.01 -0.50
C ALA A 18 5.13 -0.80 -0.19
N SER A 19 5.50 -0.79 1.08
CA SER A 19 6.70 -1.49 1.52
C SER A 19 6.76 -2.87 0.86
N HIS A 20 5.66 -3.60 1.00
CA HIS A 20 5.59 -4.93 0.44
C HIS A 20 6.07 -4.91 -1.01
N LEU A 21 5.78 -3.80 -1.68
CA LEU A 21 6.18 -3.63 -3.07
C LEU A 21 7.17 -2.48 -3.17
N SER A 22 8.08 -2.42 -2.21
CA SER A 22 9.08 -1.37 -2.18
C SER A 22 10.45 -1.96 -1.82
N THR A 23 10.56 -2.34 -0.55
CA THR A 23 11.81 -2.92 -0.06
C THR A 23 11.64 -4.43 0.16
N VAL A 24 10.40 -4.83 0.39
CA VAL A 24 10.10 -6.23 0.63
C VAL A 24 10.62 -7.06 -0.55
N LYS A 25 9.96 -6.91 -1.69
CA LYS A 25 10.35 -7.64 -2.88
C LYS A 25 11.81 -7.32 -3.21
N ALA A 26 12.29 -7.95 -4.28
CA ALA A 26 13.66 -7.74 -4.71
C ALA A 26 14.62 -8.11 -3.57
N ARG A 27 14.60 -9.39 -3.23
CA ARG A 27 15.45 -9.89 -2.17
C ARG A 27 16.78 -10.39 -2.74
N GLY A 28 17.11 -9.87 -3.92
CA GLY A 28 18.35 -10.25 -4.58
C GLY A 28 19.30 -9.06 -4.70
N ILE A 29 19.83 -8.65 -3.55
CA ILE A 29 20.75 -7.53 -3.52
C ILE A 29 21.87 -7.77 -4.52
N LYS A 30 22.08 -9.03 -4.85
CA LYS A 30 23.11 -9.41 -5.80
C LYS A 30 24.38 -8.62 -5.49
N MET A 1 -13.49 18.01 1.57
CA MET A 1 -13.94 17.20 0.45
C MET A 1 -14.84 16.05 0.95
N LYS A 2 -15.88 15.79 0.17
CA LYS A 2 -16.81 14.72 0.52
C LYS A 2 -17.31 14.05 -0.77
N ASN A 3 -17.93 12.90 -0.59
CA ASN A 3 -18.46 12.16 -1.72
C ASN A 3 -17.30 11.68 -2.61
N ARG A 4 -17.64 10.85 -3.57
CA ARG A 4 -16.64 10.32 -4.49
C ARG A 4 -15.65 9.43 -3.73
N LEU A 5 -16.00 9.11 -2.50
CA LEU A 5 -15.16 8.27 -1.67
C LEU A 5 -15.10 6.87 -2.27
N GLY A 6 -14.07 6.13 -1.86
CA GLY A 6 -13.88 4.77 -2.34
C GLY A 6 -12.40 4.48 -2.59
N THR A 7 -11.62 5.55 -2.58
CA THR A 7 -10.18 5.42 -2.80
C THR A 7 -9.41 5.82 -1.54
N TRP A 8 -9.91 6.85 -0.89
CA TRP A 8 -9.29 7.34 0.33
C TRP A 8 -8.84 6.13 1.15
N TRP A 9 -9.73 5.14 1.22
CA TRP A 9 -9.45 3.93 1.97
C TRP A 9 -8.41 3.12 1.18
N VAL A 10 -8.68 2.96 -0.11
CA VAL A 10 -7.79 2.22 -0.97
C VAL A 10 -6.34 2.60 -0.67
N ALA A 11 -6.16 3.88 -0.36
CA ALA A 11 -4.83 4.39 -0.05
C ALA A 11 -4.14 3.42 0.92
N ILE A 12 -4.94 2.84 1.81
CA ILE A 12 -4.42 1.91 2.79
C ILE A 12 -3.86 0.68 2.06
N LEU A 13 -4.63 0.20 1.09
CA LEU A 13 -4.22 -0.96 0.32
C LEU A 13 -3.03 -0.58 -0.57
N CYS A 14 -2.87 0.71 -0.77
CA CYS A 14 -1.78 1.21 -1.59
C CYS A 14 -0.65 1.68 -0.66
N MET A 15 -0.96 1.70 0.62
CA MET A 15 0.01 2.13 1.61
C MET A 15 0.63 0.93 2.32
N LEU A 16 -0.21 -0.04 2.63
CA LEU A 16 0.23 -1.25 3.31
C LEU A 16 1.06 -2.10 2.33
N LEU A 17 0.78 -1.91 1.05
CA LEU A 17 1.50 -2.65 0.03
C LEU A 17 2.74 -1.87 -0.39
N ALA A 18 2.65 -0.55 -0.28
CA ALA A 18 3.76 0.31 -0.62
C ALA A 18 5.06 -0.32 -0.13
N SER A 19 5.31 -0.16 1.16
CA SER A 19 6.51 -0.71 1.76
C SER A 19 6.76 -2.13 1.25
N HIS A 20 5.72 -2.94 1.31
CA HIS A 20 5.80 -4.31 0.85
C HIS A 20 6.41 -4.34 -0.55
N LEU A 21 6.00 -3.39 -1.36
CA LEU A 21 6.48 -3.29 -2.73
C LEU A 21 7.10 -1.91 -2.96
N SER A 22 7.97 -1.53 -2.03
CA SER A 22 8.62 -0.24 -2.12
C SER A 22 10.01 -0.32 -1.47
N THR A 23 10.01 -0.60 -0.17
CA THR A 23 11.25 -0.71 0.57
C THR A 23 11.73 -2.15 0.60
N VAL A 24 10.80 -3.06 0.34
CA VAL A 24 11.12 -4.48 0.33
C VAL A 24 12.32 -4.71 -0.59
N LYS A 25 12.53 -3.79 -1.50
CA LYS A 25 13.64 -3.89 -2.44
C LYS A 25 14.95 -3.98 -1.66
N ALA A 26 15.93 -4.59 -2.29
CA ALA A 26 17.25 -4.75 -1.67
C ALA A 26 18.31 -4.08 -2.55
N ARG A 27 18.26 -4.42 -3.83
CA ARG A 27 19.21 -3.86 -4.78
C ARG A 27 18.82 -2.43 -5.14
N GLY A 28 17.54 -2.14 -4.98
CA GLY A 28 17.02 -0.82 -5.29
C GLY A 28 17.08 -0.53 -6.79
N ILE A 29 18.29 -0.30 -7.26
CA ILE A 29 18.51 -0.03 -8.67
C ILE A 29 19.21 -1.22 -9.33
N LYS A 30 20.50 -1.06 -9.55
CA LYS A 30 21.30 -2.11 -10.18
C LYS A 30 20.83 -2.30 -11.61
N MET A 1 -12.85 11.84 -7.65
CA MET A 1 -13.27 10.74 -6.78
C MET A 1 -13.26 11.17 -5.32
N LYS A 2 -14.35 10.87 -4.64
CA LYS A 2 -14.49 11.22 -3.23
C LYS A 2 -13.25 10.77 -2.48
N ASN A 3 -12.95 11.47 -1.40
CA ASN A 3 -11.79 11.15 -0.58
C ASN A 3 -12.10 11.47 0.88
N ARG A 4 -13.17 10.85 1.37
CA ARG A 4 -13.58 11.05 2.76
C ARG A 4 -13.80 9.70 3.44
N LEU A 5 -13.37 8.65 2.76
CA LEU A 5 -13.52 7.31 3.30
C LEU A 5 -13.22 6.29 2.20
N GLY A 6 -13.79 6.53 1.03
CA GLY A 6 -13.59 5.64 -0.11
C GLY A 6 -12.11 5.34 -0.29
N THR A 7 -11.50 6.04 -1.24
CA THR A 7 -10.09 5.85 -1.53
C THR A 7 -9.27 5.90 -0.24
N TRP A 8 -9.81 6.62 0.74
CA TRP A 8 -9.13 6.76 2.02
C TRP A 8 -8.64 5.37 2.44
N TRP A 9 -9.38 4.36 2.03
CA TRP A 9 -9.03 2.98 2.36
C TRP A 9 -8.09 2.46 1.27
N VAL A 10 -8.40 2.83 0.04
CA VAL A 10 -7.59 2.42 -1.10
C VAL A 10 -6.14 2.79 -0.85
N ALA A 11 -5.95 3.83 -0.05
CA ALA A 11 -4.62 4.30 0.28
C ALA A 11 -3.96 3.32 1.25
N ILE A 12 -4.80 2.69 2.06
CA ILE A 12 -4.30 1.72 3.03
C ILE A 12 -3.77 0.49 2.31
N LEU A 13 -4.46 0.11 1.25
CA LEU A 13 -4.07 -1.04 0.46
C LEU A 13 -2.88 -0.66 -0.43
N CYS A 14 -2.70 0.65 -0.59
CA CYS A 14 -1.62 1.16 -1.41
C CYS A 14 -0.51 1.68 -0.48
N MET A 15 -0.81 1.64 0.82
CA MET A 15 0.14 2.11 1.81
C MET A 15 0.88 0.93 2.45
N LEU A 16 0.23 -0.22 2.44
CA LEU A 16 0.82 -1.42 3.00
C LEU A 16 1.58 -2.18 1.92
N LEU A 17 0.85 -2.58 0.90
CA LEU A 17 1.45 -3.32 -0.20
C LEU A 17 2.81 -2.70 -0.54
N ALA A 18 2.88 -1.39 -0.40
CA ALA A 18 4.11 -0.67 -0.68
C ALA A 18 5.19 -1.12 0.29
N SER A 19 4.87 -1.06 1.57
CA SER A 19 5.80 -1.45 2.61
C SER A 19 5.62 -2.94 2.93
N HIS A 20 5.09 -3.67 1.97
CA HIS A 20 4.85 -5.10 2.13
C HIS A 20 5.79 -5.87 1.21
N LEU A 21 5.93 -5.37 -0.01
CA LEU A 21 6.79 -6.02 -0.99
C LEU A 21 7.25 -4.98 -2.01
N SER A 22 7.46 -3.76 -1.53
CA SER A 22 7.89 -2.67 -2.39
C SER A 22 9.04 -1.91 -1.72
N THR A 23 8.71 -1.23 -0.63
CA THR A 23 9.70 -0.46 0.09
C THR A 23 10.14 -1.22 1.35
N VAL A 24 9.92 -2.53 1.32
CA VAL A 24 10.29 -3.36 2.44
C VAL A 24 11.77 -3.74 2.34
N LYS A 25 12.33 -3.47 1.17
CA LYS A 25 13.73 -3.77 0.91
C LYS A 25 14.60 -3.00 1.90
N ALA A 26 15.75 -3.57 2.22
CA ALA A 26 16.67 -2.96 3.15
C ALA A 26 18.09 -3.03 2.57
N ARG A 27 18.59 -4.25 2.44
CA ARG A 27 19.92 -4.46 1.90
C ARG A 27 20.10 -3.68 0.61
N GLY A 28 18.98 -3.37 -0.03
CA GLY A 28 19.00 -2.62 -1.28
C GLY A 28 19.71 -3.43 -2.37
N ILE A 29 21.04 -3.45 -2.28
CA ILE A 29 21.84 -4.17 -3.25
C ILE A 29 22.37 -5.45 -2.62
N LYS A 30 23.65 -5.41 -2.26
CA LYS A 30 24.28 -6.56 -1.64
C LYS A 30 24.38 -7.69 -2.66
N MET A 1 -7.70 13.71 -9.74
CA MET A 1 -9.03 13.19 -9.48
C MET A 1 -9.43 13.39 -8.01
N LYS A 2 -8.43 13.35 -7.15
CA LYS A 2 -8.66 13.54 -5.73
C LYS A 2 -9.40 12.32 -5.17
N ASN A 3 -8.96 11.88 -4.01
CA ASN A 3 -9.57 10.72 -3.36
C ASN A 3 -11.08 10.96 -3.23
N ARG A 4 -11.45 11.64 -2.15
CA ARG A 4 -12.85 11.92 -1.90
C ARG A 4 -13.56 10.68 -1.37
N LEU A 5 -13.44 9.61 -2.13
CA LEU A 5 -14.07 8.35 -1.76
C LEU A 5 -13.73 7.28 -2.79
N GLY A 6 -13.94 6.02 -2.41
CA GLY A 6 -13.66 4.91 -3.29
C GLY A 6 -12.17 4.84 -3.61
N THR A 7 -11.38 5.55 -2.81
CA THR A 7 -9.94 5.57 -3.00
C THR A 7 -9.24 5.98 -1.71
N TRP A 8 -9.75 7.05 -1.11
CA TRP A 8 -9.19 7.55 0.13
C TRP A 8 -8.85 6.36 1.03
N TRP A 9 -9.76 5.39 1.03
CA TRP A 9 -9.58 4.19 1.83
C TRP A 9 -8.53 3.31 1.13
N VAL A 10 -8.72 3.16 -0.17
CA VAL A 10 -7.81 2.34 -0.97
C VAL A 10 -6.37 2.64 -0.53
N ALA A 11 -6.11 3.91 -0.28
CA ALA A 11 -4.79 4.34 0.14
C ALA A 11 -4.24 3.37 1.19
N ILE A 12 -5.16 2.84 1.98
CA ILE A 12 -4.79 1.90 3.02
C ILE A 12 -4.10 0.68 2.39
N LEU A 13 -4.72 0.18 1.34
CA LEU A 13 -4.18 -0.98 0.63
C LEU A 13 -2.96 -0.54 -0.18
N CYS A 14 -2.89 0.76 -0.44
CA CYS A 14 -1.79 1.31 -1.21
C CYS A 14 -0.75 1.86 -0.22
N MET A 15 -1.00 1.61 1.05
CA MET A 15 -0.11 2.08 2.10
C MET A 15 0.70 0.92 2.68
N LEU A 16 0.16 -0.28 2.52
CA LEU A 16 0.82 -1.47 3.03
C LEU A 16 1.58 -2.14 1.89
N LEU A 17 0.83 -2.52 0.86
CA LEU A 17 1.41 -3.18 -0.30
C LEU A 17 2.73 -2.49 -0.66
N ALA A 18 2.77 -1.19 -0.38
CA ALA A 18 3.96 -0.41 -0.67
C ALA A 18 5.18 -1.06 -0.01
N SER A 19 5.12 -1.11 1.31
CA SER A 19 6.22 -1.71 2.08
C SER A 19 5.95 -3.19 2.30
N HIS A 20 5.20 -3.77 1.37
CA HIS A 20 4.87 -5.19 1.45
C HIS A 20 5.27 -5.88 0.15
N LEU A 21 4.96 -5.23 -0.96
CA LEU A 21 5.29 -5.78 -2.27
C LEU A 21 6.51 -5.03 -2.83
N SER A 22 7.05 -4.15 -2.02
CA SER A 22 8.22 -3.38 -2.42
C SER A 22 9.32 -3.49 -1.37
N THR A 23 9.07 -2.87 -0.23
CA THR A 23 10.03 -2.89 0.86
C THR A 23 10.43 -4.33 1.19
N VAL A 24 9.57 -5.26 0.80
CA VAL A 24 9.82 -6.67 1.04
C VAL A 24 10.99 -7.12 0.16
N LYS A 25 11.23 -6.36 -0.90
CA LYS A 25 12.31 -6.68 -1.82
C LYS A 25 13.55 -5.86 -1.44
N ALA A 26 14.70 -6.48 -1.63
CA ALA A 26 15.96 -5.83 -1.31
C ALA A 26 17.12 -6.73 -1.75
N ARG A 27 16.96 -8.02 -1.50
CA ARG A 27 17.97 -8.99 -1.86
C ARG A 27 17.91 -9.30 -3.36
N GLY A 28 16.84 -9.98 -3.74
CA GLY A 28 16.65 -10.35 -5.13
C GLY A 28 17.72 -11.33 -5.60
N ILE A 29 18.91 -10.79 -5.84
CA ILE A 29 20.03 -11.60 -6.29
C ILE A 29 19.53 -12.61 -7.33
N LYS A 30 19.58 -12.18 -8.59
CA LYS A 30 19.14 -13.03 -9.68
C LYS A 30 20.17 -12.97 -10.81
N MET A 1 -14.56 17.52 -2.74
CA MET A 1 -15.61 16.59 -2.39
C MET A 1 -15.91 16.64 -0.89
N LYS A 2 -17.12 16.24 -0.54
CA LYS A 2 -17.55 16.25 0.84
C LYS A 2 -16.56 15.42 1.67
N ASN A 3 -15.86 14.53 0.98
CA ASN A 3 -14.88 13.68 1.64
C ASN A 3 -15.56 12.89 2.75
N ARG A 4 -15.82 11.62 2.48
CA ARG A 4 -16.46 10.75 3.46
C ARG A 4 -15.86 9.36 3.41
N LEU A 5 -15.69 8.86 2.19
CA LEU A 5 -15.11 7.53 1.99
C LEU A 5 -15.02 7.25 0.49
N GLY A 6 -14.24 6.22 0.17
CA GLY A 6 -14.06 5.83 -1.22
C GLY A 6 -12.65 5.29 -1.45
N THR A 7 -11.73 6.21 -1.69
CA THR A 7 -10.34 5.85 -1.93
C THR A 7 -9.51 6.03 -0.65
N TRP A 8 -10.15 6.64 0.35
CA TRP A 8 -9.47 6.89 1.61
C TRP A 8 -8.91 5.56 2.11
N TRP A 9 -9.62 4.48 1.79
CA TRP A 9 -9.20 3.15 2.20
C TRP A 9 -8.28 2.60 1.11
N VAL A 10 -8.67 2.84 -0.14
CA VAL A 10 -7.89 2.38 -1.27
C VAL A 10 -6.44 2.83 -1.11
N ALA A 11 -6.26 3.90 -0.36
CA ALA A 11 -4.93 4.44 -0.12
C ALA A 11 -4.24 3.62 0.97
N ILE A 12 -5.05 3.03 1.83
CA ILE A 12 -4.54 2.21 2.92
C ILE A 12 -3.92 0.94 2.34
N LEU A 13 -4.67 0.30 1.46
CA LEU A 13 -4.21 -0.92 0.81
C LEU A 13 -3.05 -0.60 -0.12
N CYS A 14 -2.93 0.68 -0.45
CA CYS A 14 -1.87 1.13 -1.33
C CYS A 14 -0.77 1.75 -0.49
N MET A 15 -1.09 1.96 0.79
CA MET A 15 -0.13 2.55 1.72
C MET A 15 0.55 1.46 2.56
N LEU A 16 -0.08 0.30 2.59
CA LEU A 16 0.45 -0.82 3.35
C LEU A 16 1.31 -1.69 2.42
N LEU A 17 0.71 -2.05 1.29
CA LEU A 17 1.41 -2.88 0.32
C LEU A 17 2.70 -2.18 -0.11
N ALA A 18 2.67 -0.86 -0.06
CA ALA A 18 3.82 -0.06 -0.45
C ALA A 18 5.09 -0.75 0.06
N SER A 19 5.33 -0.59 1.35
CA SER A 19 6.51 -1.18 1.98
C SER A 19 6.69 -2.62 1.47
N HIS A 20 5.60 -3.36 1.47
CA HIS A 20 5.63 -4.75 1.02
C HIS A 20 6.22 -4.81 -0.39
N LEU A 21 5.84 -3.84 -1.20
CA LEU A 21 6.31 -3.77 -2.58
C LEU A 21 7.07 -2.46 -2.79
N SER A 22 7.92 -2.15 -1.82
CA SER A 22 8.71 -0.93 -1.88
C SER A 22 10.06 -1.14 -1.19
N THR A 23 10.01 -1.18 0.13
CA THR A 23 11.22 -1.39 0.92
C THR A 23 11.63 -2.86 0.89
N VAL A 24 10.68 -3.70 0.52
CA VAL A 24 10.94 -5.13 0.44
C VAL A 24 12.12 -5.39 -0.50
N LYS A 25 12.36 -4.43 -1.38
CA LYS A 25 13.43 -4.53 -2.34
C LYS A 25 14.77 -4.60 -1.59
N ALA A 26 15.53 -5.63 -1.90
CA ALA A 26 16.84 -5.82 -1.26
C ALA A 26 17.39 -7.19 -1.64
N ARG A 27 18.04 -7.23 -2.80
CA ARG A 27 18.61 -8.48 -3.28
C ARG A 27 19.80 -8.89 -2.41
N GLY A 28 21.00 -8.52 -2.86
CA GLY A 28 22.21 -8.85 -2.13
C GLY A 28 22.81 -7.59 -1.49
N ILE A 29 22.07 -6.50 -1.58
CA ILE A 29 22.52 -5.24 -1.02
C ILE A 29 21.42 -4.65 -0.14
N LYS A 30 21.75 -3.55 0.51
CA LYS A 30 20.80 -2.88 1.39
C LYS A 30 20.01 -3.93 2.16
N MET A 1 -18.32 6.18 -7.77
CA MET A 1 -17.32 6.57 -6.79
C MET A 1 -17.90 7.55 -5.77
N LYS A 2 -18.00 7.09 -4.54
CA LYS A 2 -18.54 7.90 -3.46
C LYS A 2 -17.85 9.27 -3.47
N ASN A 3 -18.64 10.29 -3.16
CA ASN A 3 -18.11 11.65 -3.14
C ASN A 3 -16.84 11.68 -2.30
N ARG A 4 -15.72 11.90 -2.99
CA ARG A 4 -14.43 11.95 -2.32
C ARG A 4 -13.95 10.54 -1.97
N LEU A 5 -14.81 9.82 -1.27
CA LEU A 5 -14.49 8.46 -0.87
C LEU A 5 -14.40 7.57 -2.12
N GLY A 6 -13.97 6.34 -1.89
CA GLY A 6 -13.84 5.38 -2.97
C GLY A 6 -12.37 5.21 -3.36
N THR A 7 -11.49 5.74 -2.53
CA THR A 7 -10.06 5.64 -2.77
C THR A 7 -9.28 6.05 -1.52
N TRP A 8 -9.76 7.11 -0.88
CA TRP A 8 -9.11 7.61 0.33
C TRP A 8 -8.70 6.40 1.17
N TRP A 9 -9.60 5.42 1.23
CA TRP A 9 -9.34 4.22 2.00
C TRP A 9 -8.33 3.37 1.23
N VAL A 10 -8.60 3.21 -0.05
CA VAL A 10 -7.73 2.42 -0.91
C VAL A 10 -6.27 2.78 -0.60
N ALA A 11 -6.05 4.04 -0.33
CA ALA A 11 -4.71 4.52 -0.01
C ALA A 11 -4.04 3.55 0.98
N ILE A 12 -4.87 3.00 1.85
CA ILE A 12 -4.38 2.07 2.85
C ILE A 12 -3.85 0.82 2.15
N LEU A 13 -4.60 0.35 1.17
CA LEU A 13 -4.21 -0.83 0.42
C LEU A 13 -3.05 -0.47 -0.51
N CYS A 14 -2.88 0.82 -0.71
CA CYS A 14 -1.81 1.31 -1.57
C CYS A 14 -0.70 1.89 -0.69
N MET A 15 -0.92 1.78 0.62
CA MET A 15 0.06 2.28 1.57
C MET A 15 0.80 1.13 2.26
N LEU A 16 0.10 0.02 2.40
CA LEU A 16 0.68 -1.15 3.04
C LEU A 16 1.31 -2.05 1.96
N LEU A 17 0.48 -2.46 1.02
CA LEU A 17 0.93 -3.31 -0.06
C LEU A 17 2.32 -2.85 -0.53
N ALA A 18 2.51 -1.54 -0.49
CA ALA A 18 3.77 -0.96 -0.90
C ALA A 18 4.90 -1.55 -0.04
N SER A 19 4.78 -1.35 1.26
CA SER A 19 5.78 -1.86 2.19
C SER A 19 5.38 -3.27 2.66
N HIS A 20 4.69 -3.98 1.79
CA HIS A 20 4.24 -5.33 2.10
C HIS A 20 4.72 -6.29 1.01
N LEU A 21 4.58 -5.84 -0.23
CA LEU A 21 4.98 -6.65 -1.37
C LEU A 21 5.93 -5.84 -2.25
N SER A 22 6.52 -4.81 -1.66
CA SER A 22 7.45 -3.97 -2.37
C SER A 22 8.59 -3.53 -1.45
N THR A 23 8.29 -2.54 -0.61
CA THR A 23 9.28 -2.04 0.32
C THR A 23 9.43 -2.98 1.52
N VAL A 24 8.67 -4.07 1.46
CA VAL A 24 8.71 -5.06 2.52
C VAL A 24 10.07 -5.76 2.52
N LYS A 25 10.70 -5.76 1.36
CA LYS A 25 12.01 -6.38 1.21
C LYS A 25 13.10 -5.38 1.58
N ALA A 26 14.19 -5.91 2.13
CA ALA A 26 15.30 -5.07 2.52
C ALA A 26 16.47 -5.95 2.98
N ARG A 27 16.90 -6.80 2.05
CA ARG A 27 18.00 -7.71 2.34
C ARG A 27 18.90 -7.85 1.10
N GLY A 28 18.26 -8.04 -0.04
CA GLY A 28 18.98 -8.19 -1.29
C GLY A 28 19.66 -9.55 -1.37
N ILE A 29 20.50 -9.83 -0.38
CA ILE A 29 21.20 -11.09 -0.32
C ILE A 29 20.20 -12.24 -0.40
N LYS A 30 19.95 -12.84 0.74
CA LYS A 30 19.01 -13.95 0.82
C LYS A 30 19.25 -14.89 -0.37
N MET A 1 -15.61 10.81 -11.12
CA MET A 1 -15.67 10.93 -9.67
C MET A 1 -15.73 9.55 -9.01
N LYS A 2 -16.72 8.78 -9.43
CA LYS A 2 -16.90 7.44 -8.89
C LYS A 2 -17.38 7.55 -7.44
N ASN A 3 -18.60 8.04 -7.29
CA ASN A 3 -19.18 8.20 -5.97
C ASN A 3 -18.42 9.29 -5.20
N ARG A 4 -19.00 9.69 -4.08
CA ARG A 4 -18.39 10.72 -3.25
C ARG A 4 -17.06 10.22 -2.70
N LEU A 5 -16.87 8.91 -2.75
CA LEU A 5 -15.65 8.30 -2.26
C LEU A 5 -15.50 6.91 -2.88
N GLY A 6 -14.26 6.43 -2.86
CA GLY A 6 -13.97 5.11 -3.42
C GLY A 6 -12.49 4.99 -3.76
N THR A 7 -11.65 5.48 -2.86
CA THR A 7 -10.22 5.42 -3.05
C THR A 7 -9.49 5.87 -1.79
N TRP A 8 -10.02 6.93 -1.19
CA TRP A 8 -9.43 7.48 0.03
C TRP A 8 -9.02 6.30 0.92
N TRP A 9 -9.89 5.31 0.99
CA TRP A 9 -9.64 4.13 1.79
C TRP A 9 -8.58 3.28 1.07
N VAL A 10 -8.81 3.09 -0.22
CA VAL A 10 -7.90 2.31 -1.04
C VAL A 10 -6.46 2.68 -0.67
N ALA A 11 -6.27 3.96 -0.42
CA ALA A 11 -4.95 4.46 -0.07
C ALA A 11 -4.30 3.53 0.95
N ILE A 12 -5.14 2.97 1.82
CA ILE A 12 -4.67 2.06 2.84
C ILE A 12 -4.05 0.83 2.18
N LEU A 13 -4.77 0.30 1.20
CA LEU A 13 -4.30 -0.87 0.48
C LEU A 13 -3.12 -0.49 -0.40
N CYS A 14 -2.98 0.81 -0.62
CA CYS A 14 -1.90 1.33 -1.43
C CYS A 14 -0.83 1.91 -0.51
N MET A 15 -1.10 1.81 0.79
CA MET A 15 -0.17 2.32 1.78
C MET A 15 0.65 1.19 2.40
N LEU A 16 0.02 0.03 2.50
CA LEU A 16 0.67 -1.13 3.06
C LEU A 16 1.43 -1.88 1.96
N LEU A 17 0.65 -2.38 1.00
CA LEU A 17 1.23 -3.12 -0.11
C LEU A 17 2.56 -2.46 -0.52
N ALA A 18 2.61 -1.15 -0.35
CA ALA A 18 3.79 -0.40 -0.70
C ALA A 18 5.00 -0.98 0.04
N SER A 19 5.00 -0.78 1.35
CA SER A 19 6.07 -1.29 2.19
C SER A 19 5.75 -2.70 2.68
N HIS A 20 4.78 -3.31 2.01
CA HIS A 20 4.36 -4.66 2.37
C HIS A 20 4.73 -5.62 1.24
N LEU A 21 4.77 -5.08 0.04
CA LEU A 21 5.12 -5.88 -1.13
C LEU A 21 6.33 -5.27 -1.83
N SER A 22 7.14 -4.58 -1.04
CA SER A 22 8.34 -3.94 -1.56
C SER A 22 9.48 -4.10 -0.57
N THR A 23 9.39 -3.37 0.52
CA THR A 23 10.41 -3.41 1.55
C THR A 23 10.23 -4.65 2.44
N VAL A 24 9.01 -5.18 2.40
CA VAL A 24 8.70 -6.36 3.19
C VAL A 24 9.83 -7.38 3.05
N LYS A 25 10.52 -7.31 1.91
CA LYS A 25 11.62 -8.21 1.65
C LYS A 25 12.55 -8.25 2.86
N ALA A 26 13.25 -9.36 2.99
CA ALA A 26 14.18 -9.55 4.10
C ALA A 26 13.38 -9.73 5.40
N ARG A 27 12.85 -10.93 5.56
CA ARG A 27 12.07 -11.25 6.75
C ARG A 27 12.89 -10.99 8.02
N GLY A 28 14.21 -10.94 7.82
CA GLY A 28 15.11 -10.71 8.94
C GLY A 28 14.54 -9.67 9.90
N ILE A 29 14.01 -8.60 9.32
CA ILE A 29 13.43 -7.53 10.11
C ILE A 29 12.27 -8.08 10.93
N LYS A 30 11.06 -7.78 10.46
CA LYS A 30 9.85 -8.25 11.14
C LYS A 30 10.06 -9.68 11.62
N MET A 1 -11.49 12.69 -4.85
CA MET A 1 -11.67 12.74 -3.41
C MET A 1 -13.14 12.58 -3.04
N LYS A 2 -13.96 13.48 -3.55
CA LYS A 2 -15.38 13.44 -3.27
C LYS A 2 -16.14 12.99 -4.53
N ASN A 3 -16.56 11.74 -4.51
CA ASN A 3 -17.28 11.17 -5.64
C ASN A 3 -17.47 9.67 -5.41
N ARG A 4 -16.47 9.07 -4.79
CA ARG A 4 -16.52 7.64 -4.51
C ARG A 4 -15.66 7.32 -3.28
N LEU A 5 -16.32 7.28 -2.13
CA LEU A 5 -15.63 6.98 -0.89
C LEU A 5 -14.71 5.79 -1.10
N GLY A 6 -15.15 4.88 -1.95
CA GLY A 6 -14.36 3.70 -2.25
C GLY A 6 -13.03 4.06 -2.90
N THR A 7 -12.11 4.54 -2.07
CA THR A 7 -10.80 4.93 -2.55
C THR A 7 -9.95 5.48 -1.40
N TRP A 8 -10.51 6.48 -0.72
CA TRP A 8 -9.82 7.09 0.40
C TRP A 8 -9.20 5.98 1.25
N TRP A 9 -9.93 4.89 1.36
CA TRP A 9 -9.46 3.74 2.12
C TRP A 9 -8.46 2.98 1.27
N VAL A 10 -8.82 2.80 0.00
CA VAL A 10 -7.96 2.09 -0.93
C VAL A 10 -6.52 2.57 -0.76
N ALA A 11 -6.38 3.85 -0.47
CA ALA A 11 -5.07 4.45 -0.28
C ALA A 11 -4.30 3.65 0.76
N ILE A 12 -5.02 3.24 1.80
CA ILE A 12 -4.41 2.47 2.87
C ILE A 12 -3.85 1.17 2.30
N LEU A 13 -4.67 0.50 1.51
CA LEU A 13 -4.26 -0.75 0.89
C LEU A 13 -3.01 -0.52 0.04
N CYS A 14 -2.88 0.71 -0.43
CA CYS A 14 -1.73 1.08 -1.25
C CYS A 14 -0.62 1.58 -0.32
N MET A 15 -1.03 2.02 0.85
CA MET A 15 -0.09 2.53 1.83
C MET A 15 0.39 1.41 2.77
N LEU A 16 -0.18 0.23 2.56
CA LEU A 16 0.17 -0.92 3.38
C LEU A 16 0.92 -1.95 2.52
N LEU A 17 0.37 -2.20 1.34
CA LEU A 17 0.97 -3.15 0.43
C LEU A 17 2.42 -2.74 0.15
N ALA A 18 2.63 -1.43 0.10
CA ALA A 18 3.95 -0.91 -0.15
C ALA A 18 5.00 -1.74 0.59
N SER A 19 5.10 -1.48 1.89
CA SER A 19 6.04 -2.20 2.73
C SER A 19 5.74 -3.71 2.67
N HIS A 20 4.46 -4.02 2.57
CA HIS A 20 4.02 -5.40 2.51
C HIS A 20 4.93 -6.19 1.56
N LEU A 21 5.23 -5.55 0.43
CA LEU A 21 6.08 -6.18 -0.57
C LEU A 21 7.39 -5.39 -0.68
N SER A 22 7.96 -5.08 0.48
CA SER A 22 9.21 -4.33 0.52
C SER A 22 10.09 -4.88 1.64
N THR A 23 9.72 -4.54 2.87
CA THR A 23 10.46 -4.99 4.03
C THR A 23 9.63 -5.94 4.89
N VAL A 24 8.35 -6.03 4.52
CA VAL A 24 7.44 -6.90 5.24
C VAL A 24 7.87 -8.36 5.07
N LYS A 25 8.64 -8.59 4.01
CA LYS A 25 9.13 -9.92 3.72
C LYS A 25 10.25 -10.28 4.70
N ALA A 26 10.33 -11.55 5.02
CA ALA A 26 11.34 -12.04 5.94
C ALA A 26 12.70 -12.02 5.23
N ARG A 27 12.77 -12.71 4.10
CA ARG A 27 14.00 -12.78 3.33
C ARG A 27 14.24 -11.45 2.61
N GLY A 28 13.17 -10.67 2.49
CA GLY A 28 13.26 -9.39 1.83
C GLY A 28 13.48 -9.56 0.32
N ILE A 29 14.65 -10.05 -0.02
CA ILE A 29 15.01 -10.27 -1.42
C ILE A 29 14.48 -11.63 -1.86
N LYS A 30 13.33 -11.61 -2.53
CA LYS A 30 12.71 -12.82 -3.01
C LYS A 30 13.64 -13.50 -4.02
N MET A 1 -23.72 3.86 -0.79
CA MET A 1 -22.75 3.65 -1.85
C MET A 1 -21.53 4.56 -1.65
N LYS A 2 -21.81 5.79 -1.26
CA LYS A 2 -20.75 6.77 -1.05
C LYS A 2 -19.95 6.95 -2.34
N ASN A 3 -20.32 8.00 -3.06
CA ASN A 3 -19.64 8.30 -4.32
C ASN A 3 -18.44 9.20 -4.05
N ARG A 4 -18.69 10.29 -3.33
CA ARG A 4 -17.63 11.22 -2.99
C ARG A 4 -16.41 10.48 -2.47
N LEU A 5 -16.66 9.29 -1.95
CA LEU A 5 -15.58 8.47 -1.41
C LEU A 5 -15.53 7.15 -2.18
N GLY A 6 -14.40 6.46 -2.03
CA GLY A 6 -14.21 5.18 -2.71
C GLY A 6 -12.76 5.03 -3.18
N THR A 7 -11.83 5.38 -2.30
CA THR A 7 -10.42 5.29 -2.62
C THR A 7 -9.58 5.83 -1.46
N TRP A 8 -10.06 6.92 -0.88
CA TRP A 8 -9.36 7.55 0.22
C TRP A 8 -8.85 6.44 1.15
N TRP A 9 -9.71 5.46 1.37
CA TRP A 9 -9.36 4.34 2.22
C TRP A 9 -8.35 3.46 1.47
N VAL A 10 -8.71 3.16 0.22
CA VAL A 10 -7.85 2.34 -0.61
C VAL A 10 -6.40 2.78 -0.44
N ALA A 11 -6.21 4.08 -0.28
CA ALA A 11 -4.89 4.64 -0.11
C ALA A 11 -4.12 3.80 0.91
N ILE A 12 -4.85 3.29 1.89
CA ILE A 12 -4.25 2.48 2.94
C ILE A 12 -3.74 1.18 2.32
N LEU A 13 -4.58 0.59 1.47
CA LEU A 13 -4.24 -0.66 0.82
C LEU A 13 -3.11 -0.41 -0.18
N CYS A 14 -2.93 0.86 -0.51
CA CYS A 14 -1.89 1.26 -1.46
C CYS A 14 -0.71 1.82 -0.66
N MET A 15 -0.96 2.07 0.62
CA MET A 15 0.07 2.61 1.48
C MET A 15 0.70 1.51 2.34
N LEU A 16 -0.01 0.39 2.43
CA LEU A 16 0.47 -0.73 3.20
C LEU A 16 1.21 -1.71 2.28
N LEU A 17 0.54 -2.06 1.20
CA LEU A 17 1.12 -2.98 0.22
C LEU A 17 2.47 -2.43 -0.24
N ALA A 18 2.56 -1.12 -0.29
CA ALA A 18 3.78 -0.45 -0.72
C ALA A 18 4.99 -1.22 -0.14
N SER A 19 5.22 -1.00 1.14
CA SER A 19 6.33 -1.64 1.82
C SER A 19 6.33 -3.14 1.49
N HIS A 20 5.19 -3.77 1.72
CA HIS A 20 5.06 -5.19 1.45
C HIS A 20 5.80 -5.54 0.15
N LEU A 21 5.61 -4.69 -0.85
CA LEU A 21 6.25 -4.89 -2.13
C LEU A 21 7.31 -3.81 -2.36
N SER A 22 8.09 -3.57 -1.32
CA SER A 22 9.14 -2.58 -1.38
C SER A 22 10.26 -2.92 -0.38
N THR A 23 10.12 -2.37 0.82
CA THR A 23 11.11 -2.62 1.85
C THR A 23 10.75 -3.88 2.65
N VAL A 24 9.87 -4.67 2.06
CA VAL A 24 9.43 -5.91 2.69
C VAL A 24 9.96 -7.10 1.89
N LYS A 25 10.36 -6.81 0.65
CA LYS A 25 10.88 -7.84 -0.22
C LYS A 25 12.37 -8.05 0.08
N ALA A 26 12.85 -9.23 -0.28
CA ALA A 26 14.25 -9.56 -0.05
C ALA A 26 14.82 -10.22 -1.32
N ARG A 27 14.23 -11.34 -1.68
CA ARG A 27 14.66 -12.07 -2.86
C ARG A 27 16.15 -12.41 -2.75
N GLY A 28 16.41 -13.70 -2.53
CA GLY A 28 17.77 -14.17 -2.40
C GLY A 28 18.33 -14.61 -3.75
N ILE A 29 17.58 -15.50 -4.41
CA ILE A 29 17.99 -16.00 -5.70
C ILE A 29 18.32 -14.83 -6.63
N LYS A 30 17.75 -13.68 -6.29
CA LYS A 30 17.98 -12.48 -7.08
C LYS A 30 17.92 -12.83 -8.56
N MET A 1 -16.02 11.61 3.74
CA MET A 1 -15.02 12.31 2.95
C MET A 1 -15.47 12.47 1.50
N LYS A 2 -16.18 13.57 1.24
CA LYS A 2 -16.67 13.84 -0.10
C LYS A 2 -17.67 12.76 -0.50
N ASN A 3 -18.59 13.13 -1.38
CA ASN A 3 -19.60 12.21 -1.85
C ASN A 3 -18.94 11.17 -2.76
N ARG A 4 -19.63 10.04 -2.91
CA ARG A 4 -19.14 8.96 -3.74
C ARG A 4 -17.68 8.63 -3.38
N LEU A 5 -17.53 7.60 -2.57
CA LEU A 5 -16.21 7.18 -2.15
C LEU A 5 -15.98 5.72 -2.56
N GLY A 6 -14.72 5.39 -2.75
CA GLY A 6 -14.36 4.03 -3.15
C GLY A 6 -12.88 3.96 -3.57
N THR A 7 -12.05 4.67 -2.81
CA THR A 7 -10.62 4.69 -3.09
C THR A 7 -9.87 5.32 -1.93
N TRP A 8 -10.42 6.41 -1.42
CA TRP A 8 -9.80 7.12 -0.31
C TRP A 8 -9.28 6.08 0.68
N TRP A 9 -10.10 5.05 0.89
CA TRP A 9 -9.73 3.98 1.82
C TRP A 9 -8.67 3.12 1.14
N VAL A 10 -8.95 2.77 -0.11
CA VAL A 10 -8.03 1.94 -0.88
C VAL A 10 -6.60 2.43 -0.65
N ALA A 11 -6.46 3.74 -0.54
CA ALA A 11 -5.16 4.34 -0.31
C ALA A 11 -4.44 3.57 0.80
N ILE A 12 -5.20 3.23 1.83
CA ILE A 12 -4.64 2.50 2.96
C ILE A 12 -4.04 1.19 2.47
N LEU A 13 -4.80 0.50 1.63
CA LEU A 13 -4.34 -0.76 1.08
C LEU A 13 -3.07 -0.53 0.25
N CYS A 14 -2.97 0.68 -0.30
CA CYS A 14 -1.82 1.04 -1.11
C CYS A 14 -0.74 1.58 -0.18
N MET A 15 -1.16 1.97 1.01
CA MET A 15 -0.23 2.50 2.00
C MET A 15 0.30 1.40 2.91
N LEU A 16 -0.21 0.20 2.69
CA LEU A 16 0.21 -0.95 3.48
C LEU A 16 1.02 -1.91 2.59
N LEU A 17 0.47 -2.16 1.42
CA LEU A 17 1.13 -3.06 0.47
C LEU A 17 2.54 -2.55 0.19
N ALA A 18 2.66 -1.24 0.14
CA ALA A 18 3.95 -0.62 -0.12
C ALA A 18 5.04 -1.38 0.64
N SER A 19 5.08 -1.11 1.94
CA SER A 19 6.07 -1.75 2.80
C SER A 19 5.89 -3.27 2.75
N HIS A 20 4.64 -3.68 2.58
CA HIS A 20 4.33 -5.10 2.51
C HIS A 20 5.33 -5.80 1.60
N LEU A 21 5.57 -5.20 0.46
CA LEU A 21 6.50 -5.76 -0.51
C LEU A 21 7.75 -4.88 -0.58
N SER A 22 8.15 -4.37 0.58
CA SER A 22 9.32 -3.53 0.66
C SER A 22 10.28 -4.05 1.73
N THR A 23 9.86 -3.91 2.98
CA THR A 23 10.67 -4.37 4.10
C THR A 23 9.81 -5.17 5.08
N VAL A 24 8.57 -5.41 4.68
CA VAL A 24 7.65 -6.16 5.51
C VAL A 24 8.39 -7.33 6.16
N LYS A 25 9.40 -7.81 5.45
CA LYS A 25 10.19 -8.93 5.95
C LYS A 25 10.73 -8.60 7.34
N ALA A 26 11.41 -9.57 7.93
CA ALA A 26 11.97 -9.40 9.25
C ALA A 26 13.07 -10.43 9.47
N ARG A 27 14.13 -10.31 8.69
CA ARG A 27 15.25 -11.22 8.79
C ARG A 27 16.07 -10.92 10.05
N GLY A 28 15.97 -9.68 10.50
CA GLY A 28 16.69 -9.26 11.69
C GLY A 28 18.20 -9.42 11.51
N ILE A 29 18.63 -9.30 10.26
CA ILE A 29 20.04 -9.43 9.93
C ILE A 29 20.66 -8.04 9.79
N LYS A 30 19.86 -7.13 9.23
CA LYS A 30 20.32 -5.76 9.04
C LYS A 30 21.11 -5.32 10.26
N MET A 1 -11.75 4.93 8.13
CA MET A 1 -12.47 5.75 9.11
C MET A 1 -12.35 7.23 8.76
N LYS A 2 -13.31 7.71 7.99
CA LYS A 2 -13.33 9.11 7.59
C LYS A 2 -14.77 9.63 7.66
N ASN A 3 -15.35 9.79 6.48
CA ASN A 3 -16.72 10.28 6.40
C ASN A 3 -17.29 9.96 5.01
N ARG A 4 -16.56 10.41 4.00
CA ARG A 4 -16.98 10.17 2.62
C ARG A 4 -16.42 8.85 2.12
N LEU A 5 -15.31 8.44 2.72
CA LEU A 5 -14.66 7.19 2.34
C LEU A 5 -14.39 7.20 0.83
N GLY A 6 -14.29 6.00 0.28
CA GLY A 6 -14.03 5.86 -1.14
C GLY A 6 -12.62 5.29 -1.39
N THR A 7 -11.67 6.20 -1.49
CA THR A 7 -10.28 5.81 -1.72
C THR A 7 -9.47 5.95 -0.44
N TRP A 8 -10.01 6.72 0.49
CA TRP A 8 -9.34 6.94 1.76
C TRP A 8 -8.81 5.60 2.26
N TRP A 9 -9.52 4.54 1.88
CA TRP A 9 -9.13 3.21 2.27
C TRP A 9 -8.23 2.63 1.19
N VAL A 10 -8.59 2.90 -0.06
CA VAL A 10 -7.82 2.41 -1.19
C VAL A 10 -6.37 2.86 -1.04
N ALA A 11 -6.19 3.93 -0.28
CA ALA A 11 -4.85 4.45 -0.04
C ALA A 11 -4.17 3.64 1.06
N ILE A 12 -5.00 3.06 1.92
CA ILE A 12 -4.49 2.27 3.02
C ILE A 12 -3.88 0.98 2.48
N LEU A 13 -4.63 0.33 1.60
CA LEU A 13 -4.17 -0.90 0.99
C LEU A 13 -3.01 -0.61 0.03
N CYS A 14 -2.90 0.66 -0.33
CA CYS A 14 -1.84 1.09 -1.23
C CYS A 14 -0.71 1.71 -0.39
N MET A 15 -1.03 1.98 0.87
CA MET A 15 -0.07 2.56 1.78
C MET A 15 0.64 1.48 2.60
N LEU A 16 0.06 0.29 2.58
CA LEU A 16 0.62 -0.83 3.31
C LEU A 16 1.40 -1.72 2.35
N LEU A 17 0.75 -2.09 1.26
CA LEU A 17 1.37 -2.94 0.26
C LEU A 17 2.58 -2.22 -0.34
N ALA A 18 2.61 -0.91 -0.12
CA ALA A 18 3.69 -0.09 -0.63
C ALA A 18 4.98 -0.45 0.11
N SER A 19 4.94 -0.28 1.42
CA SER A 19 6.10 -0.57 2.25
C SER A 19 6.05 -2.04 2.70
N HIS A 20 5.46 -2.87 1.85
CA HIS A 20 5.35 -4.29 2.14
C HIS A 20 6.04 -5.10 1.04
N LEU A 21 5.87 -4.63 -0.19
CA LEU A 21 6.45 -5.29 -1.34
C LEU A 21 7.49 -4.38 -1.97
N SER A 22 7.97 -3.43 -1.18
CA SER A 22 8.97 -2.49 -1.65
C SER A 22 10.27 -2.67 -0.87
N THR A 23 10.46 -1.82 0.13
CA THR A 23 11.64 -1.87 0.95
C THR A 23 11.73 -3.22 1.67
N VAL A 24 10.56 -3.81 1.90
CA VAL A 24 10.49 -5.10 2.57
C VAL A 24 11.64 -6.00 2.07
N LYS A 25 12.03 -5.76 0.82
CA LYS A 25 13.09 -6.53 0.22
C LYS A 25 14.24 -6.69 1.22
N ALA A 26 14.47 -7.93 1.62
CA ALA A 26 15.53 -8.22 2.57
C ALA A 26 16.13 -9.60 2.26
N ARG A 27 16.54 -9.75 1.01
CA ARG A 27 17.14 -11.00 0.57
C ARG A 27 18.56 -10.76 0.06
N GLY A 28 18.95 -9.50 0.05
CA GLY A 28 20.28 -9.13 -0.41
C GLY A 28 20.96 -8.19 0.59
N ILE A 29 20.74 -8.48 1.86
CA ILE A 29 21.33 -7.67 2.92
C ILE A 29 21.87 -8.60 4.02
N LYS A 30 21.14 -8.64 5.12
CA LYS A 30 21.53 -9.47 6.25
C LYS A 30 22.05 -10.82 5.73
#